data_1O5M
#
_entry.id   1O5M
#
_cell.length_a   171.11
_cell.length_b   171.11
_cell.length_c   69.31
_cell.angle_alpha   90.0
_cell.angle_beta   90.0
_cell.angle_gamma   120.0
#
_symmetry.space_group_name_H-M   'P 61'
#
loop_
_entity.id
_entity.type
_entity.pdbx_description
1 polymer 'Protein farnesyltransferase alpha subunit'
2 polymer 'Protein farnesyltransferase beta subunit'
3 non-polymer 'ZINC ION'
4 non-polymer 'FARNESYL DIPHOSPHATE'
5 non-polymer 4-{2-[4-(3,10-DIBROMO-8-CHLORO-6,11-DIHYDRO-5H-BENZO[5,6]CYCLOHEPTA[1,2-B]PYRIDIN-11-YL)PIPERIDIN-1-YL]-2-OXOETHYL}PIPERIDINE-1-CARBOXAMIDE
6 water water
#
loop_
_entity_poly.entity_id
_entity_poly.type
_entity_poly.pdbx_seq_one_letter_code
_entity_poly.pdbx_strand_id
1 'polypeptide(L)'
;MAATEGVGESAPGGEPGQPEQPPPPPPPPPAQQPQEEEMAAEAGEAAASPMDDGFLSLDSPTYVLYRDRAEWADIDPVPQ
NDGPSPVVQIIYSEKFRDVYDYFRAVLQRDERSERAFKLTRDAIELNAANYTVWHFRRVLLRSLQKDLQEEMNYITAIIE
EQPKNYQVWHHRRVLVEWLKDPSQELEFIADILNQDAKNYHAWQHRQWVIQEFRLWDNELQYVDQLLKEDVRNNSVWNQR
HFVISNTTGYSDRAVLEREVQYTLEMIKLVPHNESAWNYLKGILQDRGLSRYPNLLNQLLDLQPSHSSPYLIAFLVDIYE
DMLENQCDNKEDILNKALELCEILAKEKDTIRKEYWRYIGRSLQSKHSRESDIPASV
;
A
2 'polypeptide(L)'
;MASSSSFTYYCPPSSSPVWSEPLYSLRPEHARERLQDDSVETVTSIEQAKVEEKIQEVFSSYKFNHLVPRLVLQREKHFH
YLKRGLRQLTDAYECLDASRPWLCYWILHSLELLDEPIPQIVATDVCQFLELCQSPDGGFGGGPGQYPHLAPTYAAVNAL
CIIGTEEAYNVINREKLLQYLYSLKQPDGSFLMHVGGEVDVRSAYCAASVASLTNIITPDLFEGTAEWIARCQNWEGGIG
GVPGMEAHGGYTFCGLAALVILKKERSLNLKSLLQWVTSRQMRFEGGFQGRCNKLVDGCYSFWQAGLLPLLHRALHAQGD
PALSMSHWMFHQQALQEYILMCCQCPAGGLLDKPGKSRDFYHTCYCLSGLSIAQHFGSGAMLHDVVMGVPENVLQPTHPV
YNIGPDKVIQATTHFLQKPVPGFEECEDAVTSDPATD
;
B
#
loop_
_chem_comp.id
_chem_comp.type
_chem_comp.name
_chem_comp.formula
336 non-polymer 4-{2-[4-(3,10-DIBROMO-8-CHLORO-6,11-DIHYDRO-5H-BENZO[5,6]CYCLOHEPTA[1,2-B]PYRIDIN-11-YL)PIPERIDIN-1-YL]-2-OXOETHYL}PIPERIDINE-1-CARBOXAMIDE 'C27 H31 Br2 Cl N4 O2'
FPP non-polymer 'FARNESYL DIPHOSPHATE' 'C15 H28 O7 P2'
ZN non-polymer 'ZINC ION' 'Zn 2'
#
# COMPACT_ATOMS: atom_id res chain seq x y z
N GLY A 54 21.79 33.99 -1.82
CA GLY A 54 20.64 34.85 -1.37
C GLY A 54 19.33 34.09 -1.38
N PHE A 55 19.13 33.21 -0.40
CA PHE A 55 17.91 32.39 -0.29
C PHE A 55 16.71 33.02 0.42
N LEU A 56 15.93 33.79 -0.33
CA LEU A 56 14.73 34.42 0.21
C LEU A 56 13.72 33.31 0.45
N SER A 57 13.50 33.00 1.73
CA SER A 57 12.58 31.92 2.13
C SER A 57 11.17 32.07 1.59
N LEU A 58 10.62 30.94 1.19
CA LEU A 58 9.28 30.86 0.65
C LEU A 58 8.30 31.27 1.73
N ASP A 59 8.75 31.23 2.99
CA ASP A 59 7.89 31.58 4.12
C ASP A 59 8.23 32.93 4.75
N SER A 60 9.32 33.54 4.28
CA SER A 60 9.79 34.83 4.76
C SER A 60 8.68 35.87 4.61
N PRO A 61 8.54 36.79 5.59
CA PRO A 61 7.49 37.80 5.49
C PRO A 61 7.74 38.74 4.30
N THR A 62 8.99 38.89 3.90
CA THR A 62 9.34 39.75 2.78
C THR A 62 9.55 39.00 1.47
N TYR A 63 8.92 37.83 1.33
CA TYR A 63 9.02 37.05 0.10
C TYR A 63 8.21 37.80 -0.98
N VAL A 64 8.77 37.93 -2.17
CA VAL A 64 8.07 38.60 -3.26
C VAL A 64 7.95 37.64 -4.44
N LEU A 65 6.81 37.68 -5.13
CA LEU A 65 6.61 36.83 -6.28
C LEU A 65 7.77 36.99 -7.28
N TYR A 66 8.05 35.90 -7.99
CA TYR A 66 9.09 35.87 -9.00
C TYR A 66 8.83 36.89 -10.12
N ARG A 67 7.55 37.15 -10.40
CA ARG A 67 7.19 38.11 -11.43
C ARG A 67 7.47 39.54 -10.99
N ASP A 68 7.66 39.73 -9.69
CA ASP A 68 7.97 41.04 -9.16
C ASP A 68 9.46 41.13 -8.89
N ARG A 69 10.23 40.13 -9.31
CA ARG A 69 11.68 40.13 -9.08
C ARG A 69 12.49 40.60 -10.29
N ALA A 70 13.29 41.63 -10.07
CA ALA A 70 14.11 42.24 -11.12
C ALA A 70 15.12 41.32 -11.79
N GLU A 71 15.72 40.43 -11.02
CA GLU A 71 16.71 39.51 -11.55
C GLU A 71 16.09 38.37 -12.38
N TRP A 72 14.78 38.47 -12.60
CA TRP A 72 14.01 37.50 -13.37
C TRP A 72 13.18 38.20 -14.43
N ALA A 73 13.24 39.53 -14.47
CA ALA A 73 12.44 40.34 -15.41
C ALA A 73 12.70 40.11 -16.89
N ASP A 74 13.81 39.43 -17.17
CA ASP A 74 14.21 39.12 -18.52
C ASP A 74 13.46 37.92 -19.08
N ILE A 75 13.10 36.98 -18.21
CA ILE A 75 12.42 35.76 -18.64
C ILE A 75 10.90 35.75 -18.50
N ASP A 76 10.25 35.19 -19.49
CA ASP A 76 8.80 35.12 -19.46
C ASP A 76 8.36 33.80 -18.84
N PRO A 77 7.40 33.87 -17.90
CA PRO A 77 6.89 32.66 -17.25
C PRO A 77 6.03 31.88 -18.22
N VAL A 78 6.19 30.56 -18.24
CA VAL A 78 5.42 29.70 -19.13
C VAL A 78 4.29 29.10 -18.33
N PRO A 79 3.05 29.43 -18.65
CA PRO A 79 1.88 28.89 -17.95
C PRO A 79 1.57 27.45 -18.36
N GLN A 80 0.78 26.78 -17.52
CA GLN A 80 0.42 25.39 -17.73
C GLN A 80 -0.70 25.23 -18.72
N ASN A 81 -0.50 24.27 -19.62
CA ASN A 81 -1.44 23.95 -20.67
C ASN A 81 -2.38 22.83 -20.18
N ASP A 82 -3.49 23.23 -19.58
CA ASP A 82 -4.49 22.28 -19.07
C ASP A 82 -5.54 21.93 -20.11
N GLY A 83 -5.48 22.62 -21.24
CA GLY A 83 -6.47 22.40 -22.27
C GLY A 83 -7.63 23.37 -22.16
N PRO A 84 -8.46 23.44 -23.21
CA PRO A 84 -9.62 24.32 -23.28
C PRO A 84 -10.72 23.92 -22.30
N SER A 85 -10.84 22.62 -22.05
CA SER A 85 -11.84 22.08 -21.14
C SER A 85 -11.09 21.27 -20.08
N PRO A 86 -10.53 21.96 -19.08
CA PRO A 86 -9.78 21.36 -17.98
C PRO A 86 -10.56 20.40 -17.10
N VAL A 87 -9.87 19.37 -16.63
CA VAL A 87 -10.45 18.38 -15.72
C VAL A 87 -9.50 18.31 -14.52
N VAL A 88 -10.04 17.90 -13.38
CA VAL A 88 -9.30 17.80 -12.12
C VAL A 88 -8.31 18.96 -12.06
N GLN A 89 -8.83 20.14 -12.41
CA GLN A 89 -8.06 21.36 -12.45
C GLN A 89 -7.89 22.01 -11.09
N ILE A 90 -6.65 22.14 -10.64
CA ILE A 90 -6.34 22.73 -9.35
C ILE A 90 -6.31 24.25 -9.38
N ILE A 91 -7.07 24.89 -8.50
CA ILE A 91 -7.10 26.35 -8.44
C ILE A 91 -5.89 26.80 -7.64
N TYR A 92 -4.74 26.82 -8.30
CA TYR A 92 -3.50 27.17 -7.62
C TYR A 92 -3.55 28.50 -6.94
N SER A 93 -2.70 28.63 -5.94
CA SER A 93 -2.57 29.85 -5.21
C SER A 93 -1.66 30.69 -6.10
N GLU A 94 -1.64 31.99 -5.83
CA GLU A 94 -0.84 32.94 -6.57
C GLU A 94 0.64 32.58 -6.55
N LYS A 95 1.14 32.19 -5.36
CA LYS A 95 2.56 31.79 -5.15
C LYS A 95 2.94 30.53 -5.88
N PHE A 96 2.09 29.51 -5.74
CA PHE A 96 2.33 28.22 -6.36
C PHE A 96 2.43 28.45 -7.85
N ARG A 97 1.39 29.08 -8.38
CA ARG A 97 1.25 29.41 -9.80
C ARG A 97 2.46 30.21 -10.31
N ASP A 98 2.89 31.20 -9.53
CA ASP A 98 4.01 32.04 -9.88
C ASP A 98 5.30 31.22 -10.02
N VAL A 99 5.64 30.47 -8.97
CA VAL A 99 6.85 29.65 -8.96
C VAL A 99 6.90 28.61 -10.08
N TYR A 100 5.76 27.94 -10.31
CA TYR A 100 5.70 26.92 -11.35
C TYR A 100 5.72 27.46 -12.75
N ASP A 101 5.10 28.62 -12.97
CA ASP A 101 5.11 29.22 -14.30
C ASP A 101 6.55 29.56 -14.61
N TYR A 102 7.29 29.99 -13.60
CA TYR A 102 8.68 30.31 -13.80
C TYR A 102 9.50 29.05 -13.92
N PHE A 103 9.15 27.99 -13.16
CA PHE A 103 9.91 26.74 -13.24
C PHE A 103 9.79 26.18 -14.64
N ARG A 104 8.59 26.24 -15.21
CA ARG A 104 8.34 25.73 -16.54
C ARG A 104 9.22 26.44 -17.56
N ALA A 105 9.34 27.75 -17.39
CA ALA A 105 10.15 28.58 -18.25
C ALA A 105 11.59 28.13 -18.27
N VAL A 106 12.24 28.08 -17.11
CA VAL A 106 13.65 27.66 -17.07
C VAL A 106 13.89 26.21 -17.48
N LEU A 107 12.89 25.36 -17.29
CA LEU A 107 13.00 23.95 -17.63
C LEU A 107 12.88 23.80 -19.12
N GLN A 108 11.90 24.48 -19.70
CA GLN A 108 11.68 24.43 -21.13
C GLN A 108 12.91 24.90 -21.86
N ARG A 109 13.61 25.88 -21.32
CA ARG A 109 14.82 26.37 -21.97
C ARG A 109 16.06 25.70 -21.41
N ASP A 110 15.86 24.80 -20.46
CA ASP A 110 16.95 24.05 -19.85
C ASP A 110 18.07 25.00 -19.39
N GLU A 111 17.65 26.08 -18.74
CA GLU A 111 18.57 27.07 -18.21
C GLU A 111 19.23 26.55 -16.94
N ARG A 112 20.49 26.12 -17.04
CA ARG A 112 21.18 25.58 -15.88
C ARG A 112 21.91 26.65 -15.10
N SER A 113 21.11 27.51 -14.49
CA SER A 113 21.65 28.63 -13.73
C SER A 113 21.47 28.50 -12.23
N GLU A 114 22.22 29.34 -11.52
CA GLU A 114 22.15 29.38 -10.07
C GLU A 114 20.79 29.90 -9.68
N ARG A 115 20.22 30.76 -10.51
CA ARG A 115 18.91 31.29 -10.19
C ARG A 115 17.86 30.20 -10.37
N ALA A 116 18.05 29.32 -11.36
CA ALA A 116 17.13 28.22 -11.62
C ALA A 116 17.20 27.22 -10.47
N PHE A 117 18.42 27.03 -9.96
CA PHE A 117 18.67 26.11 -8.86
C PHE A 117 17.94 26.52 -7.58
N LYS A 118 18.01 27.80 -7.26
CA LYS A 118 17.35 28.34 -6.08
C LYS A 118 15.83 28.30 -6.22
N LEU A 119 15.35 28.39 -7.46
CA LEU A 119 13.92 28.34 -7.73
C LEU A 119 13.33 26.93 -7.54
N THR A 120 14.08 25.89 -7.88
CA THR A 120 13.60 24.52 -7.71
C THR A 120 13.37 24.24 -6.23
N ARG A 121 14.13 24.90 -5.37
CA ARG A 121 13.97 24.73 -3.95
C ARG A 121 12.59 25.21 -3.54
N ASP A 122 12.14 26.32 -4.14
CA ASP A 122 10.82 26.89 -3.84
C ASP A 122 9.72 26.00 -4.43
N ALA A 123 9.94 25.48 -5.64
CA ALA A 123 8.96 24.61 -6.29
C ALA A 123 8.85 23.28 -5.52
N ILE A 124 9.97 22.84 -4.95
CA ILE A 124 10.00 21.61 -4.17
C ILE A 124 9.23 21.85 -2.86
N GLU A 125 9.45 22.99 -2.24
CA GLU A 125 8.77 23.30 -1.00
C GLU A 125 7.27 23.45 -1.20
N LEU A 126 6.84 23.86 -2.40
CA LEU A 126 5.43 24.02 -2.69
C LEU A 126 4.80 22.66 -2.96
N ASN A 127 5.57 21.75 -3.54
CA ASN A 127 5.08 20.40 -3.78
C ASN A 127 6.29 19.46 -3.86
N ALA A 128 6.64 18.90 -2.71
CA ALA A 128 7.78 17.99 -2.59
C ALA A 128 7.63 16.68 -3.35
N ALA A 129 6.42 16.41 -3.85
CA ALA A 129 6.18 15.17 -4.59
C ALA A 129 6.37 15.35 -6.10
N ASN A 130 6.77 16.56 -6.52
CA ASN A 130 6.99 16.78 -7.93
C ASN A 130 8.37 16.25 -8.32
N TYR A 131 8.37 15.04 -8.86
CA TYR A 131 9.60 14.35 -9.26
C TYR A 131 10.33 14.98 -10.46
N THR A 132 9.60 15.75 -11.28
CA THR A 132 10.19 16.43 -12.42
C THR A 132 11.14 17.53 -11.90
N VAL A 133 10.68 18.25 -10.88
CA VAL A 133 11.50 19.31 -10.29
C VAL A 133 12.71 18.68 -9.65
N TRP A 134 12.51 17.62 -8.87
CA TRP A 134 13.61 16.93 -8.23
C TRP A 134 14.70 16.50 -9.23
N HIS A 135 14.28 16.00 -10.39
CA HIS A 135 15.18 15.57 -11.45
C HIS A 135 16.03 16.74 -11.92
N PHE A 136 15.38 17.83 -12.29
CA PHE A 136 16.07 19.02 -12.74
C PHE A 136 17.01 19.53 -11.65
N ARG A 137 16.61 19.40 -10.38
CA ARG A 137 17.47 19.86 -9.30
C ARG A 137 18.75 19.03 -9.28
N ARG A 138 18.63 17.74 -9.54
CA ARG A 138 19.83 16.93 -9.55
C ARG A 138 20.66 17.26 -10.78
N VAL A 139 19.98 17.65 -11.86
CA VAL A 139 20.66 18.05 -13.10
C VAL A 139 21.56 19.25 -12.80
N LEU A 140 21.00 20.27 -12.14
CA LEU A 140 21.71 21.49 -11.77
C LEU A 140 22.78 21.26 -10.69
N LEU A 141 22.57 20.28 -9.82
CA LEU A 141 23.56 20.00 -8.78
C LEU A 141 24.88 19.56 -9.41
N ARG A 142 24.81 18.81 -10.52
CA ARG A 142 26.02 18.36 -11.18
C ARG A 142 26.57 19.41 -12.16
N SER A 143 25.70 20.16 -12.83
CA SER A 143 26.13 21.22 -13.74
C SER A 143 26.87 22.31 -12.97
N LEU A 144 26.16 22.97 -12.05
CA LEU A 144 26.74 24.05 -11.26
C LEU A 144 27.81 23.55 -10.31
N GLN A 145 27.99 22.24 -10.25
CA GLN A 145 28.97 21.66 -9.34
C GLN A 145 28.74 22.26 -7.93
N LYS A 146 27.58 21.96 -7.35
CA LYS A 146 27.20 22.46 -6.02
C LYS A 146 27.84 21.65 -4.93
N ASP A 147 28.10 22.26 -3.77
CA ASP A 147 28.69 21.52 -2.67
C ASP A 147 27.62 20.52 -2.23
N LEU A 148 27.88 19.23 -2.45
CA LEU A 148 26.94 18.18 -2.10
C LEU A 148 26.73 18.01 -0.60
N GLN A 149 27.65 18.54 0.20
CA GLN A 149 27.50 18.44 1.64
C GLN A 149 26.50 19.48 2.13
N GLU A 150 26.43 20.62 1.45
CA GLU A 150 25.50 21.66 1.82
C GLU A 150 24.12 21.15 1.39
N GLU A 151 24.08 20.39 0.28
CA GLU A 151 22.84 19.80 -0.20
C GLU A 151 22.35 18.71 0.78
N MET A 152 23.27 18.07 1.50
CA MET A 152 22.91 17.06 2.49
C MET A 152 22.27 17.79 3.67
N ASN A 153 22.71 19.01 3.92
CA ASN A 153 22.14 19.80 4.99
C ASN A 153 20.73 20.20 4.62
N TYR A 154 20.56 20.54 3.36
CA TYR A 154 19.27 20.89 2.82
C TYR A 154 18.31 19.68 2.92
N ILE A 155 18.70 18.54 2.36
CA ILE A 155 17.83 17.38 2.39
C ILE A 155 17.55 16.90 3.81
N THR A 156 18.46 17.16 4.74
CA THR A 156 18.25 16.76 6.12
C THR A 156 17.09 17.57 6.72
N ALA A 157 17.03 18.84 6.37
CA ALA A 157 16.01 19.72 6.88
C ALA A 157 14.64 19.39 6.34
N ILE A 158 14.55 19.30 5.02
CA ILE A 158 13.28 19.02 4.35
C ILE A 158 12.70 17.67 4.72
N ILE A 159 13.56 16.69 4.98
CA ILE A 159 13.07 15.38 5.40
C ILE A 159 12.52 15.49 6.81
N GLU A 160 13.16 16.30 7.65
CA GLU A 160 12.69 16.48 9.01
C GLU A 160 11.30 17.09 8.96
N GLU A 161 11.08 17.99 8.00
CA GLU A 161 9.81 18.65 7.82
C GLU A 161 8.71 17.73 7.26
N GLN A 162 9.06 16.91 6.27
CA GLN A 162 8.12 16.00 5.67
C GLN A 162 8.76 14.66 5.33
N PRO A 163 8.87 13.78 6.35
CA PRO A 163 9.47 12.45 6.28
C PRO A 163 8.69 11.35 5.55
N LYS A 164 7.43 11.61 5.23
CA LYS A 164 6.60 10.65 4.51
C LYS A 164 6.48 11.19 3.10
N ASN A 165 7.55 11.04 2.35
CA ASN A 165 7.65 11.50 0.98
C ASN A 165 8.73 10.62 0.38
N TYR A 166 8.44 10.06 -0.80
CA TYR A 166 9.36 9.17 -1.52
C TYR A 166 10.55 9.91 -2.14
N GLN A 167 10.29 11.10 -2.70
CA GLN A 167 11.30 11.90 -3.38
C GLN A 167 12.45 12.38 -2.53
N VAL A 168 12.15 12.78 -1.31
CA VAL A 168 13.15 13.30 -0.41
C VAL A 168 14.13 12.23 0.00
N TRP A 169 13.63 11.02 0.27
CA TRP A 169 14.54 9.93 0.67
C TRP A 169 15.40 9.42 -0.49
N HIS A 170 14.81 9.35 -1.69
CA HIS A 170 15.53 8.92 -2.88
C HIS A 170 16.65 9.91 -3.18
N HIS A 171 16.35 11.20 -3.05
CA HIS A 171 17.32 12.24 -3.26
C HIS A 171 18.46 12.10 -2.25
N ARG A 172 18.14 11.86 -0.98
CA ARG A 172 19.18 11.68 0.04
C ARG A 172 20.10 10.50 -0.35
N ARG A 173 19.50 9.41 -0.84
CA ARG A 173 20.25 8.23 -1.26
C ARG A 173 21.19 8.55 -2.44
N VAL A 174 20.72 9.35 -3.39
CA VAL A 174 21.54 9.76 -4.52
C VAL A 174 22.75 10.57 -4.04
N LEU A 175 22.55 11.43 -3.04
CA LEU A 175 23.63 12.25 -2.51
C LEU A 175 24.66 11.39 -1.79
N VAL A 176 24.18 10.42 -1.02
CA VAL A 176 25.06 9.51 -0.28
C VAL A 176 25.88 8.65 -1.24
N GLU A 177 25.29 8.28 -2.37
CA GLU A 177 25.98 7.48 -3.36
C GLU A 177 27.08 8.31 -4.01
N TRP A 178 26.72 9.52 -4.42
CA TRP A 178 27.67 10.43 -5.05
C TRP A 178 28.87 10.72 -4.19
N LEU A 179 28.63 10.98 -2.91
CA LEU A 179 29.67 11.29 -1.96
C LEU A 179 30.28 10.04 -1.37
N LYS A 180 29.70 8.88 -1.65
CA LYS A 180 30.15 7.63 -1.10
C LYS A 180 30.46 7.80 0.38
N ASP A 181 29.62 8.60 1.04
CA ASP A 181 29.75 8.91 2.46
C ASP A 181 28.47 8.60 3.23
N PRO A 182 28.46 7.49 3.98
CA PRO A 182 27.35 7.02 4.81
C PRO A 182 27.47 7.37 6.30
N SER A 183 28.48 8.15 6.64
CA SER A 183 28.75 8.49 8.04
C SER A 183 27.69 9.22 8.85
N GLN A 184 26.81 9.97 8.20
CA GLN A 184 25.75 10.68 8.93
C GLN A 184 24.45 9.90 9.01
N GLU A 185 24.33 8.88 8.16
CA GLU A 185 23.11 8.12 8.01
C GLU A 185 22.41 7.46 9.18
N LEU A 186 23.06 6.55 9.86
CA LEU A 186 22.42 5.87 10.97
C LEU A 186 21.92 6.84 12.02
N GLU A 187 22.65 7.93 12.21
CA GLU A 187 22.27 8.94 13.19
C GLU A 187 21.11 9.79 12.70
N PHE A 188 21.13 10.20 11.44
CA PHE A 188 20.03 11.00 10.88
C PHE A 188 18.72 10.20 10.93
N ILE A 189 18.76 8.98 10.42
CA ILE A 189 17.63 8.06 10.42
C ILE A 189 17.11 7.85 11.84
N ALA A 190 18.01 7.66 12.81
CA ALA A 190 17.60 7.46 14.19
C ALA A 190 16.83 8.66 14.72
N ASP A 191 17.14 9.85 14.21
CA ASP A 191 16.43 11.03 14.66
C ASP A 191 15.02 11.05 14.09
N ILE A 192 14.85 10.54 12.86
CA ILE A 192 13.54 10.49 12.24
C ILE A 192 12.68 9.44 12.95
N LEU A 193 13.29 8.30 13.30
CA LEU A 193 12.62 7.20 13.99
C LEU A 193 12.26 7.58 15.42
N ASN A 194 12.90 8.62 15.93
CA ASN A 194 12.60 9.09 17.27
C ASN A 194 11.28 9.88 17.22
N GLN A 195 10.95 10.38 16.03
CA GLN A 195 9.73 11.15 15.82
C GLN A 195 8.57 10.25 15.39
N ASP A 196 8.88 9.24 14.58
CA ASP A 196 7.91 8.24 14.10
C ASP A 196 8.72 6.96 13.93
N ALA A 197 8.68 6.11 14.96
CA ALA A 197 9.44 4.87 14.98
C ALA A 197 9.04 3.85 13.95
N LYS A 198 8.06 4.20 13.13
CA LYS A 198 7.61 3.25 12.14
C LYS A 198 7.60 3.79 10.73
N ASN A 199 8.22 4.95 10.52
CA ASN A 199 8.27 5.56 9.20
C ASN A 199 8.85 4.55 8.21
N TYR A 200 8.04 4.18 7.22
CA TYR A 200 8.44 3.17 6.23
C TYR A 200 9.70 3.52 5.41
N HIS A 201 9.79 4.76 4.93
CA HIS A 201 10.93 5.23 4.14
C HIS A 201 12.18 5.26 5.00
N ALA A 202 12.05 5.67 6.25
CA ALA A 202 13.19 5.74 7.15
C ALA A 202 13.80 4.37 7.36
N TRP A 203 12.94 3.37 7.56
CA TRP A 203 13.40 2.01 7.75
C TRP A 203 13.96 1.45 6.46
N GLN A 204 13.41 1.89 5.33
CA GLN A 204 13.89 1.43 4.05
C GLN A 204 15.29 2.01 3.76
N HIS A 205 15.46 3.29 4.06
CA HIS A 205 16.72 3.96 3.84
C HIS A 205 17.76 3.32 4.73
N ARG A 206 17.37 3.00 5.95
CA ARG A 206 18.25 2.39 6.92
C ARG A 206 18.74 1.03 6.44
N GLN A 207 17.83 0.23 5.89
CA GLN A 207 18.22 -1.08 5.39
C GLN A 207 19.19 -0.94 4.22
N TRP A 208 18.98 0.08 3.40
CA TRP A 208 19.84 0.33 2.24
C TRP A 208 21.28 0.73 2.67
N VAL A 209 21.39 1.69 3.58
CA VAL A 209 22.70 2.14 4.07
C VAL A 209 23.48 0.98 4.67
N ILE A 210 22.82 0.24 5.56
CA ILE A 210 23.43 -0.92 6.23
C ILE A 210 23.92 -2.01 5.27
N GLN A 211 23.10 -2.35 4.29
CA GLN A 211 23.48 -3.37 3.32
C GLN A 211 24.55 -2.85 2.38
N GLU A 212 24.36 -1.66 1.84
CA GLU A 212 25.30 -1.05 0.90
C GLU A 212 26.69 -0.83 1.45
N PHE A 213 26.75 -0.24 2.64
CA PHE A 213 28.00 0.10 3.28
C PHE A 213 28.44 -0.88 4.33
N ARG A 214 27.69 -1.98 4.48
CA ARG A 214 28.02 -3.01 5.44
C ARG A 214 28.14 -2.48 6.87
N LEU A 215 27.15 -1.75 7.35
CA LEU A 215 27.18 -1.20 8.72
C LEU A 215 26.29 -2.01 9.66
N TRP A 216 26.58 -3.30 9.77
CA TRP A 216 25.81 -4.26 10.60
C TRP A 216 26.13 -4.31 12.09
N ASP A 217 27.34 -3.97 12.45
CA ASP A 217 27.79 -4.09 13.82
C ASP A 217 27.01 -3.60 15.02
N ASN A 218 26.31 -2.48 14.91
CA ASN A 218 25.57 -2.01 16.06
C ASN A 218 24.05 -2.00 15.90
N GLU A 219 23.57 -2.55 14.80
CA GLU A 219 22.14 -2.57 14.53
C GLU A 219 21.31 -3.44 15.45
N LEU A 220 21.81 -4.62 15.80
CA LEU A 220 21.05 -5.50 16.68
C LEU A 220 20.89 -4.82 18.04
N GLN A 221 21.87 -4.00 18.43
CA GLN A 221 21.80 -3.29 19.68
C GLN A 221 20.75 -2.19 19.59
N TYR A 222 20.71 -1.51 18.45
CA TYR A 222 19.72 -0.44 18.22
C TYR A 222 18.31 -1.06 18.24
N VAL A 223 18.19 -2.25 17.65
CA VAL A 223 16.92 -2.98 17.63
C VAL A 223 16.49 -3.27 19.07
N ASP A 224 17.40 -3.77 19.90
CA ASP A 224 17.08 -4.04 21.30
C ASP A 224 16.60 -2.77 22.00
N GLN A 225 17.23 -1.66 21.64
CA GLN A 225 16.85 -0.38 22.20
C GLN A 225 15.40 -0.03 21.88
N LEU A 226 15.04 -0.05 20.60
CA LEU A 226 13.67 0.28 20.19
C LEU A 226 12.63 -0.70 20.67
N LEU A 227 13.02 -1.97 20.80
CA LEU A 227 12.12 -3.02 21.28
C LEU A 227 11.78 -2.77 22.76
N LYS A 228 12.71 -2.13 23.47
CA LYS A 228 12.49 -1.79 24.87
C LYS A 228 11.48 -0.66 24.92
N GLU A 229 11.62 0.29 23.99
CA GLU A 229 10.71 1.42 23.94
C GLU A 229 9.28 1.01 23.58
N ASP A 230 9.17 0.08 22.63
CA ASP A 230 7.86 -0.42 22.20
C ASP A 230 8.04 -1.80 21.60
N VAL A 231 7.85 -2.82 22.44
CA VAL A 231 7.96 -4.21 22.03
C VAL A 231 6.92 -4.59 20.96
N ARG A 232 5.99 -3.68 20.69
CA ARG A 232 4.96 -3.91 19.66
C ARG A 232 5.31 -3.25 18.32
N ASN A 233 6.48 -2.64 18.21
CA ASN A 233 6.86 -1.98 16.97
C ASN A 233 7.26 -3.04 15.97
N ASN A 234 6.33 -3.39 15.10
CA ASN A 234 6.58 -4.42 14.11
C ASN A 234 7.73 -4.11 13.14
N SER A 235 8.03 -2.82 12.93
CA SER A 235 9.11 -2.41 12.04
C SER A 235 10.43 -2.83 12.66
N VAL A 236 10.49 -2.78 13.98
CA VAL A 236 11.70 -3.16 14.71
C VAL A 236 11.87 -4.69 14.71
N TRP A 237 10.76 -5.42 14.77
CA TRP A 237 10.82 -6.89 14.71
C TRP A 237 11.29 -7.24 13.30
N ASN A 238 10.84 -6.49 12.31
CA ASN A 238 11.27 -6.75 10.95
C ASN A 238 12.76 -6.47 10.83
N GLN A 239 13.23 -5.41 11.48
CA GLN A 239 14.65 -5.06 11.42
C GLN A 239 15.51 -6.10 12.09
N ARG A 240 14.98 -6.70 13.15
CA ARG A 240 15.68 -7.72 13.92
C ARG A 240 15.99 -8.89 12.99
N HIS A 241 15.00 -9.27 12.19
CA HIS A 241 15.13 -10.38 11.24
C HIS A 241 16.05 -10.02 10.09
N PHE A 242 15.97 -8.78 9.62
CA PHE A 242 16.82 -8.31 8.53
C PHE A 242 18.28 -8.43 8.95
N VAL A 243 18.60 -7.94 10.14
CA VAL A 243 19.97 -8.01 10.66
C VAL A 243 20.47 -9.43 10.84
N ILE A 244 19.71 -10.24 11.57
CA ILE A 244 20.12 -11.61 11.83
C ILE A 244 20.24 -12.45 10.59
N SER A 245 19.30 -12.33 9.67
CA SER A 245 19.39 -13.15 8.48
C SER A 245 20.54 -12.72 7.56
N ASN A 246 20.99 -11.48 7.68
CA ASN A 246 22.09 -11.00 6.84
C ASN A 246 23.44 -11.04 7.50
N THR A 247 23.48 -11.53 8.73
CA THR A 247 24.75 -11.66 9.46
C THR A 247 25.02 -13.12 9.82
N THR A 248 24.48 -13.57 10.95
CA THR A 248 24.69 -14.94 11.37
C THR A 248 23.74 -15.92 10.68
N GLY A 249 22.49 -15.52 10.53
CA GLY A 249 21.51 -16.39 9.93
C GLY A 249 20.80 -17.11 11.05
N TYR A 250 19.75 -17.86 10.73
CA TYR A 250 19.01 -18.61 11.73
C TYR A 250 19.28 -20.13 11.77
N SER A 251 20.33 -20.57 11.09
CA SER A 251 20.68 -21.98 11.12
C SER A 251 21.63 -22.27 12.28
N ASP A 252 22.29 -21.22 12.75
CA ASP A 252 23.17 -21.32 13.89
C ASP A 252 22.22 -21.59 15.05
N ARG A 253 22.28 -22.82 15.58
CA ARG A 253 21.42 -23.28 16.68
C ARG A 253 21.42 -22.43 17.93
N ALA A 254 22.56 -21.83 18.23
CA ALA A 254 22.66 -20.99 19.40
C ALA A 254 21.88 -19.69 19.17
N VAL A 255 21.95 -19.16 17.96
CA VAL A 255 21.23 -17.94 17.61
C VAL A 255 19.76 -18.22 17.68
N LEU A 256 19.35 -19.29 16.99
CA LEU A 256 17.94 -19.72 16.96
C LEU A 256 17.39 -19.88 18.36
N GLU A 257 18.18 -20.51 19.22
CA GLU A 257 17.80 -20.73 20.61
C GLU A 257 17.67 -19.39 21.34
N ARG A 258 18.67 -18.53 21.16
CA ARG A 258 18.68 -17.21 21.77
C ARG A 258 17.45 -16.40 21.31
N GLU A 259 17.11 -16.52 20.03
CA GLU A 259 15.98 -15.81 19.44
C GLU A 259 14.61 -16.33 19.88
N VAL A 260 14.48 -17.65 19.99
CA VAL A 260 13.23 -18.26 20.41
C VAL A 260 13.00 -17.99 21.88
N GLN A 261 14.07 -18.08 22.66
CA GLN A 261 13.97 -17.84 24.09
C GLN A 261 13.59 -16.37 24.35
N TYR A 262 14.27 -15.46 23.64
CA TYR A 262 14.01 -14.03 23.76
C TYR A 262 12.57 -13.71 23.44
N THR A 263 12.10 -14.27 22.33
CA THR A 263 10.73 -14.05 21.84
C THR A 263 9.68 -14.58 22.81
N LEU A 264 9.93 -15.76 23.40
CA LEU A 264 9.03 -16.38 24.37
C LEU A 264 8.91 -15.51 25.62
N GLU A 265 10.03 -14.92 26.05
CA GLU A 265 10.03 -14.03 27.22
C GLU A 265 9.14 -12.83 26.94
N MET A 266 9.20 -12.30 25.71
CA MET A 266 8.39 -11.17 25.29
C MET A 266 6.92 -11.57 25.24
N ILE A 267 6.65 -12.77 24.79
CA ILE A 267 5.28 -13.26 24.72
C ILE A 267 4.73 -13.32 26.17
N LYS A 268 5.54 -13.81 27.10
CA LYS A 268 5.13 -13.91 28.49
C LYS A 268 4.79 -12.55 29.03
N LEU A 269 5.62 -11.55 28.72
CA LEU A 269 5.39 -10.19 29.19
C LEU A 269 4.15 -9.49 28.57
N VAL A 270 3.92 -9.69 27.27
CA VAL A 270 2.80 -9.05 26.57
C VAL A 270 2.17 -10.09 25.61
N PRO A 271 1.44 -11.09 26.17
CA PRO A 271 0.77 -12.19 25.47
C PRO A 271 -0.10 -11.83 24.28
N HIS A 272 -0.60 -10.61 24.27
CA HIS A 272 -1.45 -10.20 23.17
C HIS A 272 -0.72 -9.37 22.12
N ASN A 273 0.61 -9.32 22.22
CA ASN A 273 1.43 -8.59 21.25
C ASN A 273 1.62 -9.54 20.08
N GLU A 274 0.92 -9.26 18.98
CA GLU A 274 1.00 -10.08 17.81
C GLU A 274 2.37 -10.13 17.12
N SER A 275 3.17 -9.07 17.18
CA SER A 275 4.47 -9.05 16.52
C SER A 275 5.40 -10.14 17.04
N ALA A 276 5.43 -10.34 18.35
CA ALA A 276 6.32 -11.35 18.92
C ALA A 276 5.89 -12.74 18.48
N TRP A 277 4.59 -12.92 18.29
CA TRP A 277 4.04 -14.21 17.85
C TRP A 277 4.37 -14.48 16.40
N ASN A 278 4.25 -13.45 15.57
CA ASN A 278 4.52 -13.53 14.13
C ASN A 278 5.99 -13.76 13.86
N TYR A 279 6.82 -13.27 14.77
CA TYR A 279 8.27 -13.44 14.65
C TYR A 279 8.65 -14.85 15.03
N LEU A 280 7.98 -15.38 16.06
CA LEU A 280 8.24 -16.74 16.53
C LEU A 280 7.88 -17.74 15.43
N LYS A 281 6.71 -17.52 14.84
CA LYS A 281 6.22 -18.36 13.76
C LYS A 281 7.18 -18.23 12.59
N GLY A 282 7.53 -16.99 12.24
CA GLY A 282 8.42 -16.72 11.13
C GLY A 282 9.81 -17.34 11.14
N ILE A 283 10.46 -17.42 12.30
CA ILE A 283 11.82 -18.00 12.37
C ILE A 283 11.88 -19.54 12.50
N LEU A 284 10.76 -20.18 12.86
CA LEU A 284 10.72 -21.64 13.04
C LEU A 284 10.00 -22.28 11.88
N GLN A 285 8.99 -21.57 11.38
CA GLN A 285 8.18 -21.99 10.25
C GLN A 285 9.07 -22.40 9.11
N ASP A 286 10.28 -21.84 9.10
CA ASP A 286 11.27 -22.15 8.08
C ASP A 286 11.46 -23.66 7.93
N ARG A 287 12.11 -24.27 8.92
CA ARG A 287 12.38 -25.71 8.91
C ARG A 287 11.14 -26.59 9.17
N GLY A 288 10.08 -25.99 9.69
CA GLY A 288 8.88 -26.75 9.99
C GLY A 288 8.68 -26.77 11.49
N LEU A 289 7.54 -26.25 11.95
CA LEU A 289 7.21 -26.21 13.38
C LEU A 289 7.24 -27.58 14.07
N SER A 290 6.88 -28.63 13.34
CA SER A 290 6.87 -29.99 13.87
C SER A 290 8.28 -30.48 14.21
N ARG A 291 9.28 -29.86 13.59
CA ARG A 291 10.68 -30.19 13.80
C ARG A 291 11.12 -29.86 15.24
N TYR A 292 10.28 -29.10 15.95
CA TYR A 292 10.58 -28.68 17.31
C TYR A 292 9.54 -29.27 18.26
N PRO A 293 9.78 -30.50 18.76
CA PRO A 293 8.89 -31.23 19.67
C PRO A 293 8.61 -30.60 21.04
N ASN A 294 9.55 -29.85 21.61
CA ASN A 294 9.36 -29.21 22.92
C ASN A 294 8.45 -27.98 22.90
N LEU A 295 8.43 -27.29 21.76
CA LEU A 295 7.64 -26.08 21.58
C LEU A 295 6.15 -26.23 21.88
N LEU A 296 5.52 -27.24 21.30
CA LEU A 296 4.10 -27.47 21.51
C LEU A 296 3.79 -27.55 23.00
N ASN A 297 4.60 -28.34 23.69
CA ASN A 297 4.44 -28.52 25.13
C ASN A 297 4.53 -27.18 25.83
N GLN A 298 5.67 -26.54 25.62
CA GLN A 298 5.94 -25.27 26.23
C GLN A 298 4.88 -24.21 26.00
N LEU A 299 4.14 -24.32 24.91
CA LEU A 299 3.09 -23.36 24.62
C LEU A 299 1.80 -23.79 25.29
N LEU A 300 1.58 -25.10 25.30
CA LEU A 300 0.39 -25.69 25.90
C LEU A 300 0.32 -25.35 27.37
N ASP A 301 1.49 -24.99 27.93
CA ASP A 301 1.59 -24.61 29.34
C ASP A 301 1.00 -23.23 29.57
N LEU A 302 1.16 -22.34 28.60
CA LEU A 302 0.63 -20.98 28.72
C LEU A 302 -0.87 -20.97 28.50
N GLN A 303 -1.43 -22.15 28.19
CA GLN A 303 -2.86 -22.32 27.96
C GLN A 303 -3.81 -21.64 28.95
N PRO A 304 -3.42 -21.56 30.23
CA PRO A 304 -4.30 -20.90 31.21
C PRO A 304 -3.85 -19.47 31.52
N SER A 305 -2.54 -19.31 31.71
CA SER A 305 -1.95 -18.01 32.04
C SER A 305 -1.87 -17.00 30.87
N HIS A 306 -1.09 -17.32 29.85
CA HIS A 306 -0.94 -16.43 28.70
C HIS A 306 -1.59 -17.06 27.46
N SER A 307 -2.92 -17.16 27.46
CA SER A 307 -3.63 -17.78 26.35
C SER A 307 -4.51 -16.90 25.47
N SER A 308 -3.88 -16.10 24.63
CA SER A 308 -4.59 -15.23 23.70
C SER A 308 -5.00 -16.08 22.50
N PRO A 309 -5.74 -15.50 21.54
CA PRO A 309 -6.11 -16.31 20.37
C PRO A 309 -4.89 -16.55 19.46
N TYR A 310 -3.74 -15.99 19.86
CA TYR A 310 -2.48 -16.15 19.15
C TYR A 310 -1.86 -17.47 19.55
N LEU A 311 -1.99 -17.82 20.83
CA LEU A 311 -1.47 -19.09 21.32
C LEU A 311 -2.30 -20.17 20.64
N ILE A 312 -3.62 -20.00 20.63
CA ILE A 312 -4.54 -20.95 20.01
C ILE A 312 -4.18 -21.15 18.55
N ALA A 313 -4.08 -20.06 17.79
CA ALA A 313 -3.73 -20.14 16.36
C ALA A 313 -2.35 -20.78 16.12
N PHE A 314 -1.40 -20.54 17.01
CA PHE A 314 -0.07 -21.13 16.84
C PHE A 314 -0.15 -22.65 16.98
N LEU A 315 -1.02 -23.14 17.88
CA LEU A 315 -1.20 -24.58 18.12
C LEU A 315 -1.72 -25.28 16.87
N VAL A 316 -2.68 -24.66 16.20
CA VAL A 316 -3.24 -25.20 14.96
C VAL A 316 -2.13 -25.25 13.91
N ASP A 317 -1.25 -24.24 13.89
CA ASP A 317 -0.12 -24.18 12.95
C ASP A 317 0.85 -25.33 13.20
N ILE A 318 1.18 -25.57 14.47
CA ILE A 318 2.07 -26.66 14.83
C ILE A 318 1.42 -27.99 14.40
N TYR A 319 0.11 -28.12 14.61
CA TYR A 319 -0.64 -29.33 14.25
C TYR A 319 -0.66 -29.55 12.75
N GLU A 320 -0.92 -28.49 11.99
CA GLU A 320 -0.95 -28.57 10.53
C GLU A 320 0.35 -29.15 10.02
N ASP A 321 1.47 -28.73 10.61
CA ASP A 321 2.77 -29.23 10.18
C ASP A 321 3.08 -30.64 10.65
N MET A 322 2.50 -31.04 11.78
CA MET A 322 2.70 -32.39 12.33
C MET A 322 1.99 -33.39 11.42
N LEU A 323 0.81 -33.01 10.94
CA LEU A 323 0.01 -33.84 10.06
C LEU A 323 0.69 -34.05 8.72
N GLU A 324 1.18 -32.96 8.14
CA GLU A 324 1.87 -33.03 6.85
C GLU A 324 3.20 -33.76 7.01
N ASN A 325 3.70 -33.83 8.25
CA ASN A 325 4.96 -34.50 8.51
C ASN A 325 4.86 -35.84 9.19
N GLN A 326 3.77 -36.53 8.90
CA GLN A 326 3.53 -37.89 9.38
C GLN A 326 3.80 -38.10 10.88
N CYS A 327 3.01 -37.43 11.72
CA CYS A 327 3.15 -37.52 13.17
C CYS A 327 2.42 -38.71 13.77
N ASP A 328 2.73 -39.00 15.03
CA ASP A 328 2.07 -40.08 15.78
C ASP A 328 0.68 -39.56 16.12
N ASN A 329 -0.30 -40.44 16.24
CA ASN A 329 -1.66 -40.05 16.60
C ASN A 329 -2.35 -39.14 15.57
N LYS A 330 -2.11 -39.38 14.28
CA LYS A 330 -2.72 -38.58 13.20
C LYS A 330 -4.20 -38.25 13.42
N GLU A 331 -4.98 -39.23 13.86
CA GLU A 331 -6.41 -39.06 14.12
C GLU A 331 -6.62 -38.09 15.28
N ASP A 332 -5.88 -38.32 16.35
CA ASP A 332 -5.95 -37.49 17.56
C ASP A 332 -5.56 -36.04 17.27
N ILE A 333 -4.32 -35.85 16.84
CA ILE A 333 -3.76 -34.54 16.51
C ILE A 333 -4.72 -33.75 15.61
N LEU A 334 -5.29 -34.43 14.62
CA LEU A 334 -6.22 -33.80 13.70
C LEU A 334 -7.46 -33.28 14.41
N ASN A 335 -7.99 -34.07 15.35
CA ASN A 335 -9.18 -33.67 16.07
C ASN A 335 -8.93 -32.44 16.94
N LYS A 336 -7.74 -32.37 17.54
CA LYS A 336 -7.34 -31.24 18.37
C LYS A 336 -7.28 -29.98 17.50
N ALA A 337 -6.61 -30.09 16.35
CA ALA A 337 -6.49 -28.98 15.42
C ALA A 337 -7.87 -28.51 14.94
N LEU A 338 -8.73 -29.45 14.56
CA LEU A 338 -10.09 -29.13 14.08
C LEU A 338 -10.97 -28.52 15.16
N GLU A 339 -10.74 -28.94 16.39
CA GLU A 339 -11.47 -28.46 17.56
C GLU A 339 -11.12 -26.98 17.77
N LEU A 340 -9.82 -26.69 17.70
CA LEU A 340 -9.31 -25.32 17.86
C LEU A 340 -9.83 -24.43 16.73
N CYS A 341 -9.95 -24.97 15.53
CA CYS A 341 -10.45 -24.18 14.38
C CYS A 341 -11.88 -23.73 14.59
N GLU A 342 -12.67 -24.55 15.26
CA GLU A 342 -14.06 -24.20 15.50
C GLU A 342 -14.18 -23.25 16.66
N ILE A 343 -13.34 -23.44 17.69
CA ILE A 343 -13.32 -22.56 18.84
C ILE A 343 -12.96 -21.17 18.33
N LEU A 344 -11.99 -21.13 17.41
CA LEU A 344 -11.55 -19.87 16.83
C LEU A 344 -12.63 -19.26 15.94
N ALA A 345 -13.20 -20.05 15.05
CA ALA A 345 -14.23 -19.57 14.12
C ALA A 345 -15.52 -19.11 14.79
N LYS A 346 -15.98 -19.87 15.77
CA LYS A 346 -17.22 -19.56 16.48
C LYS A 346 -17.03 -18.68 17.69
N GLU A 347 -15.88 -18.78 18.35
CA GLU A 347 -15.66 -18.03 19.57
C GLU A 347 -14.50 -17.04 19.72
N LYS A 348 -13.28 -17.58 19.76
CA LYS A 348 -12.06 -16.80 19.97
C LYS A 348 -11.54 -15.82 18.92
N ASP A 349 -11.88 -16.04 17.66
CA ASP A 349 -11.36 -15.20 16.58
C ASP A 349 -12.31 -15.17 15.41
N THR A 350 -13.54 -14.76 15.69
CA THR A 350 -14.61 -14.73 14.70
C THR A 350 -14.45 -13.83 13.48
N ILE A 351 -13.59 -12.82 13.59
CA ILE A 351 -13.36 -11.89 12.49
C ILE A 351 -12.75 -12.69 11.32
N ARG A 352 -12.01 -13.73 11.70
CA ARG A 352 -11.34 -14.65 10.78
C ARG A 352 -12.07 -16.01 10.67
N LYS A 353 -13.40 -16.01 10.87
CA LYS A 353 -14.16 -17.26 10.79
C LYS A 353 -14.01 -17.96 9.44
N GLU A 354 -14.11 -17.21 8.33
CA GLU A 354 -13.96 -17.78 7.00
C GLU A 354 -12.60 -18.46 6.80
N TYR A 355 -11.57 -17.88 7.41
CA TYR A 355 -10.22 -18.43 7.33
C TYR A 355 -10.13 -19.73 8.12
N TRP A 356 -10.56 -19.70 9.38
CA TRP A 356 -10.53 -20.86 10.26
C TRP A 356 -11.39 -22.05 9.79
N ARG A 357 -12.49 -21.76 9.09
CA ARG A 357 -13.34 -22.80 8.53
C ARG A 357 -12.60 -23.38 7.35
N TYR A 358 -11.97 -22.51 6.57
CA TYR A 358 -11.17 -22.97 5.44
C TYR A 358 -10.08 -23.90 5.95
N ILE A 359 -9.42 -23.48 7.03
CA ILE A 359 -8.37 -24.29 7.63
C ILE A 359 -8.97 -25.63 8.07
N GLY A 360 -10.17 -25.60 8.63
CA GLY A 360 -10.82 -26.81 9.11
C GLY A 360 -11.09 -27.77 7.97
N ARG A 361 -11.80 -27.29 6.96
CA ARG A 361 -12.13 -28.06 5.78
C ARG A 361 -10.86 -28.64 5.14
N SER A 362 -9.91 -27.75 4.87
CA SER A 362 -8.62 -28.08 4.26
C SER A 362 -7.87 -29.19 5.01
N LEU A 363 -7.91 -29.12 6.34
CA LEU A 363 -7.25 -30.12 7.20
C LEU A 363 -7.96 -31.48 7.10
N GLN A 364 -9.28 -31.43 6.95
CA GLN A 364 -10.07 -32.63 6.81
C GLN A 364 -9.73 -33.28 5.49
N SER A 365 -9.95 -32.56 4.40
CA SER A 365 -9.66 -33.10 3.07
C SER A 365 -8.27 -33.75 3.02
N LYS A 366 -7.31 -33.08 3.63
CA LYS A 366 -5.94 -33.55 3.66
C LYS A 366 -5.62 -34.75 4.54
N HIS A 367 -6.15 -34.76 5.76
CA HIS A 367 -5.81 -35.81 6.70
C HIS A 367 -6.93 -36.66 7.31
N SER A 368 -8.00 -36.87 6.54
CA SER A 368 -9.14 -37.67 7.00
C SER A 368 -8.74 -39.04 7.56
N LEU B 23 -26.33 -6.35 12.87
CA LEU B 23 -24.99 -5.68 12.70
C LEU B 23 -23.98 -6.27 13.65
N TYR B 24 -23.03 -6.99 13.05
CA TYR B 24 -21.95 -7.66 13.76
C TYR B 24 -21.20 -6.74 14.75
N SER B 25 -20.94 -5.51 14.33
CA SER B 25 -20.20 -4.55 15.12
C SER B 25 -20.95 -4.12 16.37
N LEU B 26 -22.27 -4.04 16.25
CA LEU B 26 -23.13 -3.61 17.34
C LEU B 26 -23.52 -4.69 18.34
N ARG B 27 -23.18 -5.95 18.08
CA ARG B 27 -23.52 -7.01 19.03
C ARG B 27 -22.78 -6.78 20.34
N PRO B 28 -23.37 -7.24 21.46
CA PRO B 28 -22.85 -7.14 22.82
C PRO B 28 -21.55 -7.87 23.06
N GLU B 29 -21.45 -9.05 22.45
CA GLU B 29 -20.25 -9.86 22.57
C GLU B 29 -19.06 -9.23 21.83
N HIS B 30 -19.37 -8.24 20.99
CA HIS B 30 -18.35 -7.53 20.21
C HIS B 30 -17.47 -6.63 21.08
N ALA B 31 -17.98 -6.28 22.25
CA ALA B 31 -17.25 -5.45 23.18
C ALA B 31 -16.03 -6.22 23.67
N ARG B 32 -16.09 -7.55 23.55
CA ARG B 32 -15.01 -8.41 23.98
C ARG B 32 -13.80 -8.35 23.06
N GLU B 33 -13.98 -7.78 21.87
CA GLU B 33 -12.90 -7.66 20.91
C GLU B 33 -11.99 -6.42 21.10
N ARG B 34 -12.23 -5.66 22.17
CA ARG B 34 -11.43 -4.47 22.45
C ARG B 34 -10.03 -4.90 22.82
N LEU B 35 -9.04 -4.08 22.49
CA LEU B 35 -7.64 -4.36 22.78
C LEU B 35 -7.35 -4.77 24.23
N GLN B 36 -6.43 -5.70 24.41
CA GLN B 36 -6.01 -6.15 25.74
C GLN B 36 -4.53 -5.86 25.79
N ASP B 37 -4.15 -4.78 26.48
CA ASP B 37 -2.76 -4.36 26.55
C ASP B 37 -1.86 -5.02 27.60
N ASP B 38 -2.40 -6.00 28.32
CA ASP B 38 -1.64 -6.75 29.34
C ASP B 38 -1.06 -5.84 30.42
N SER B 39 -1.61 -4.65 30.54
CA SER B 39 -1.14 -3.65 31.49
C SER B 39 0.29 -3.21 31.20
N VAL B 40 0.63 -3.23 29.91
CA VAL B 40 1.92 -2.79 29.42
C VAL B 40 1.61 -1.81 28.28
N GLU B 41 1.59 -0.53 28.60
CA GLU B 41 1.29 0.48 27.60
C GLU B 41 2.54 0.91 26.83
N THR B 42 2.37 1.11 25.53
CA THR B 42 3.44 1.59 24.65
C THR B 42 2.77 2.51 23.63
N VAL B 43 3.53 3.19 22.79
CA VAL B 43 2.92 4.07 21.81
C VAL B 43 1.90 3.29 20.98
N THR B 44 2.22 2.04 20.66
CA THR B 44 1.34 1.19 19.85
C THR B 44 -0.01 0.90 20.50
N SER B 45 -0.02 0.44 21.75
CA SER B 45 -1.26 0.12 22.45
C SER B 45 -2.10 1.35 22.76
N ILE B 46 -1.43 2.48 23.00
CA ILE B 46 -2.09 3.75 23.29
C ILE B 46 -2.82 4.34 22.10
N GLU B 47 -2.20 4.26 20.92
CA GLU B 47 -2.79 4.80 19.70
C GLU B 47 -3.91 3.91 19.19
N GLN B 48 -3.76 2.60 19.37
CA GLN B 48 -4.79 1.65 18.95
C GLN B 48 -6.04 1.89 19.82
N ALA B 49 -5.83 2.04 21.12
CA ALA B 49 -6.90 2.26 22.11
C ALA B 49 -7.65 3.56 21.82
N LYS B 50 -6.91 4.58 21.38
CA LYS B 50 -7.54 5.85 21.06
C LYS B 50 -8.50 5.63 19.90
N VAL B 51 -8.06 4.83 18.94
CA VAL B 51 -8.85 4.53 17.77
C VAL B 51 -10.08 3.69 18.13
N GLU B 52 -9.88 2.62 18.88
CA GLU B 52 -10.98 1.76 19.29
C GLU B 52 -11.99 2.60 20.07
N GLU B 53 -11.50 3.51 20.91
CA GLU B 53 -12.38 4.38 21.67
C GLU B 53 -13.25 5.20 20.73
N LYS B 54 -12.62 5.85 19.75
CA LYS B 54 -13.37 6.66 18.80
C LYS B 54 -14.34 5.85 17.93
N ILE B 55 -13.98 4.61 17.62
CA ILE B 55 -14.82 3.74 16.80
C ILE B 55 -16.05 3.28 17.61
N GLN B 56 -15.83 3.02 18.89
CA GLN B 56 -16.90 2.59 19.77
C GLN B 56 -17.96 3.67 19.90
N GLU B 57 -17.55 4.93 19.93
CA GLU B 57 -18.50 6.02 20.04
C GLU B 57 -19.35 6.04 18.82
N VAL B 58 -18.77 5.68 17.69
CA VAL B 58 -19.51 5.65 16.43
C VAL B 58 -20.53 4.51 16.46
N PHE B 59 -20.07 3.31 16.84
CA PHE B 59 -20.92 2.12 16.89
C PHE B 59 -22.14 2.30 17.81
N SER B 60 -21.91 2.93 18.96
CA SER B 60 -22.94 3.18 19.96
C SER B 60 -23.80 4.42 19.72
N SER B 61 -23.47 5.21 18.71
CA SER B 61 -24.22 6.42 18.43
C SER B 61 -25.71 6.18 18.29
N TYR B 62 -26.06 5.03 17.70
CA TYR B 62 -27.47 4.67 17.50
C TYR B 62 -28.19 4.52 18.83
N LYS B 63 -27.62 3.69 19.69
CA LYS B 63 -28.12 3.42 21.03
C LYS B 63 -28.40 4.70 21.81
N PHE B 64 -27.40 5.58 21.86
CA PHE B 64 -27.53 6.84 22.58
C PHE B 64 -28.54 7.85 22.02
N ASN B 65 -28.83 7.75 20.72
CA ASN B 65 -29.79 8.67 20.09
C ASN B 65 -31.16 8.05 19.85
N HIS B 66 -31.27 6.78 20.22
CA HIS B 66 -32.51 6.00 20.10
C HIS B 66 -33.20 6.00 18.74
N LEU B 67 -32.46 5.57 17.74
CA LEU B 67 -33.00 5.45 16.39
C LEU B 67 -32.56 4.08 15.95
N VAL B 68 -33.18 3.55 14.90
CA VAL B 68 -32.77 2.25 14.40
C VAL B 68 -31.57 2.47 13.44
N PRO B 69 -30.47 1.70 13.62
CA PRO B 69 -29.31 1.86 12.72
C PRO B 69 -29.78 1.67 11.28
N ARG B 70 -29.50 2.65 10.43
CA ARG B 70 -29.88 2.59 9.03
C ARG B 70 -28.59 2.74 8.24
N LEU B 71 -27.99 1.63 7.84
CA LEU B 71 -26.74 1.69 7.10
C LEU B 71 -27.02 2.08 5.67
N VAL B 72 -26.73 3.34 5.36
CA VAL B 72 -26.99 3.86 4.04
C VAL B 72 -25.74 4.48 3.42
N LEU B 73 -25.48 4.13 2.17
CA LEU B 73 -24.35 4.68 1.46
C LEU B 73 -24.88 5.96 0.83
N GLN B 74 -24.34 7.09 1.26
CA GLN B 74 -24.75 8.40 0.78
C GLN B 74 -24.33 8.70 -0.65
N ARG B 75 -24.91 7.94 -1.57
CA ARG B 75 -24.63 8.05 -2.99
C ARG B 75 -24.70 9.42 -3.58
N GLU B 76 -25.79 10.11 -3.28
CA GLU B 76 -25.98 11.43 -3.85
C GLU B 76 -24.98 12.42 -3.31
N LYS B 77 -24.59 12.25 -2.04
CA LYS B 77 -23.61 13.11 -1.41
C LYS B 77 -22.25 12.88 -2.06
N HIS B 78 -21.90 11.60 -2.24
CA HIS B 78 -20.65 11.18 -2.83
C HIS B 78 -20.59 11.63 -4.28
N PHE B 79 -21.74 11.57 -4.96
CA PHE B 79 -21.80 11.98 -6.35
C PHE B 79 -21.49 13.46 -6.63
N HIS B 80 -22.04 14.40 -5.84
CA HIS B 80 -21.79 15.84 -6.06
C HIS B 80 -20.32 16.18 -5.84
N TYR B 81 -19.78 15.57 -4.79
CA TYR B 81 -18.39 15.71 -4.43
C TYR B 81 -17.50 15.27 -5.60
N LEU B 82 -17.80 14.08 -6.11
CA LEU B 82 -17.07 13.46 -7.23
C LEU B 82 -17.18 14.22 -8.52
N LYS B 83 -18.41 14.44 -8.99
CA LYS B 83 -18.63 15.17 -10.25
C LYS B 83 -18.02 16.57 -10.23
N ARG B 84 -17.93 17.15 -9.04
CA ARG B 84 -17.36 18.48 -8.85
C ARG B 84 -15.81 18.44 -8.85
N GLY B 85 -15.24 17.49 -8.11
CA GLY B 85 -13.79 17.33 -8.08
C GLY B 85 -13.25 16.99 -9.47
N LEU B 86 -14.07 16.34 -10.29
CA LEU B 86 -13.68 15.96 -11.65
C LEU B 86 -13.40 17.17 -12.54
N ARG B 87 -13.96 18.34 -12.18
CA ARG B 87 -13.74 19.56 -12.96
C ARG B 87 -12.69 20.48 -12.36
N GLN B 88 -12.79 20.76 -11.06
CA GLN B 88 -11.84 21.65 -10.41
C GLN B 88 -11.63 21.30 -8.95
N LEU B 89 -10.51 21.75 -8.41
CA LEU B 89 -10.17 21.46 -7.02
C LEU B 89 -9.53 22.67 -6.38
N THR B 90 -9.69 22.81 -5.08
CA THR B 90 -9.08 23.92 -4.37
C THR B 90 -7.57 23.73 -4.30
N ASP B 91 -6.87 24.77 -3.85
CA ASP B 91 -5.44 24.71 -3.73
C ASP B 91 -4.93 23.73 -2.66
N ALA B 92 -5.84 23.07 -1.93
CA ALA B 92 -5.46 22.08 -0.92
C ALA B 92 -4.89 20.89 -1.66
N TYR B 93 -5.21 20.83 -2.95
CA TYR B 93 -4.73 19.76 -3.81
C TYR B 93 -3.44 20.06 -4.54
N GLU B 94 -2.76 21.13 -4.15
CA GLU B 94 -1.49 21.47 -4.78
C GLU B 94 -0.48 20.33 -4.55
N CYS B 95 -0.64 19.61 -3.43
CA CYS B 95 0.22 18.47 -3.07
C CYS B 95 0.03 17.27 -4.00
N LEU B 96 -1.01 17.33 -4.83
CA LEU B 96 -1.31 16.27 -5.79
C LEU B 96 -1.20 16.83 -7.22
N ASP B 97 -0.46 17.92 -7.36
CA ASP B 97 -0.24 18.53 -8.67
C ASP B 97 0.59 17.64 -9.61
N ALA B 98 1.25 16.62 -9.05
CA ALA B 98 2.07 15.69 -9.84
C ALA B 98 1.39 14.31 -9.89
N SER B 99 0.10 14.28 -9.53
CA SER B 99 -0.72 13.06 -9.52
C SER B 99 -2.11 13.30 -10.10
N ARG B 100 -2.19 14.18 -11.10
CA ARG B 100 -3.49 14.49 -11.70
C ARG B 100 -4.13 13.32 -12.43
N PRO B 101 -3.34 12.48 -13.13
CA PRO B 101 -3.99 11.35 -13.77
C PRO B 101 -4.59 10.45 -12.67
N TRP B 102 -4.09 10.55 -11.44
CA TRP B 102 -4.62 9.74 -10.34
C TRP B 102 -5.99 10.27 -9.95
N LEU B 103 -6.11 11.60 -9.84
CA LEU B 103 -7.38 12.21 -9.49
C LEU B 103 -8.45 11.80 -10.51
N CYS B 104 -8.06 11.71 -11.79
CA CYS B 104 -8.99 11.28 -12.85
C CYS B 104 -9.43 9.85 -12.59
N TYR B 105 -8.46 8.96 -12.36
CA TYR B 105 -8.78 7.58 -12.11
C TYR B 105 -9.66 7.40 -10.87
N TRP B 106 -9.21 7.97 -9.76
CA TRP B 106 -9.93 7.86 -8.49
C TRP B 106 -11.39 8.31 -8.66
N ILE B 107 -11.60 9.44 -9.33
CA ILE B 107 -12.94 9.97 -9.53
C ILE B 107 -13.77 9.16 -10.53
N LEU B 108 -13.28 9.00 -11.75
CA LEU B 108 -14.02 8.23 -12.72
C LEU B 108 -14.33 6.84 -12.16
N HIS B 109 -13.40 6.24 -11.41
CA HIS B 109 -13.65 4.89 -10.89
C HIS B 109 -14.67 4.90 -9.78
N SER B 110 -14.73 5.98 -9.01
CA SER B 110 -15.70 6.08 -7.93
C SER B 110 -17.09 6.28 -8.56
N LEU B 111 -17.15 7.10 -9.62
CA LEU B 111 -18.40 7.35 -10.32
C LEU B 111 -18.87 6.06 -10.95
N GLU B 112 -17.93 5.24 -11.38
CA GLU B 112 -18.20 3.94 -12.00
C GLU B 112 -18.77 2.92 -11.00
N LEU B 113 -18.22 2.90 -9.79
CA LEU B 113 -18.71 1.98 -8.78
C LEU B 113 -20.12 2.39 -8.36
N LEU B 114 -20.34 3.70 -8.28
CA LEU B 114 -21.63 4.27 -7.92
C LEU B 114 -22.65 4.20 -9.06
N ASP B 115 -22.22 3.71 -10.22
CA ASP B 115 -23.07 3.58 -11.40
C ASP B 115 -23.41 4.90 -12.11
N GLU B 116 -22.62 5.93 -11.87
CA GLU B 116 -22.81 7.23 -12.49
C GLU B 116 -22.08 7.27 -13.82
N PRO B 117 -22.76 7.74 -14.88
CA PRO B 117 -22.23 7.85 -16.25
C PRO B 117 -21.31 9.03 -16.53
N ILE B 118 -20.47 8.86 -17.56
CA ILE B 118 -19.52 9.87 -17.98
C ILE B 118 -20.03 10.46 -19.28
N PRO B 119 -20.61 11.68 -19.22
CA PRO B 119 -21.11 12.29 -20.44
C PRO B 119 -20.00 12.23 -21.45
N GLN B 120 -20.37 11.93 -22.69
CA GLN B 120 -19.40 11.83 -23.76
C GLN B 120 -18.54 13.10 -23.85
N ILE B 121 -19.08 14.22 -23.39
CA ILE B 121 -18.31 15.47 -23.38
C ILE B 121 -17.25 15.41 -22.26
N VAL B 122 -17.62 14.90 -21.10
CA VAL B 122 -16.66 14.81 -20.01
C VAL B 122 -15.55 13.84 -20.43
N ALA B 123 -15.96 12.69 -20.94
CA ALA B 123 -15.03 11.65 -21.39
C ALA B 123 -13.98 12.17 -22.36
N THR B 124 -14.39 12.94 -23.38
CA THR B 124 -13.44 13.48 -24.35
C THR B 124 -12.49 14.49 -23.72
N ASP B 125 -12.98 15.21 -22.71
CA ASP B 125 -12.18 16.22 -22.00
C ASP B 125 -11.08 15.54 -21.19
N VAL B 126 -11.45 14.44 -20.54
CA VAL B 126 -10.51 13.65 -19.75
C VAL B 126 -9.45 13.09 -20.69
N CYS B 127 -9.89 12.62 -21.87
CA CYS B 127 -9.01 12.07 -22.89
C CYS B 127 -8.00 13.09 -23.34
N GLN B 128 -8.49 14.29 -23.64
CA GLN B 128 -7.63 15.37 -24.08
C GLN B 128 -6.61 15.75 -23.02
N PHE B 129 -7.03 15.69 -21.76
CA PHE B 129 -6.13 16.02 -20.65
C PHE B 129 -5.01 14.99 -20.56
N LEU B 130 -5.37 13.71 -20.52
CA LEU B 130 -4.38 12.64 -20.44
C LEU B 130 -3.46 12.68 -21.67
N GLU B 131 -3.95 13.22 -22.78
CA GLU B 131 -3.12 13.37 -23.97
C GLU B 131 -2.01 14.35 -23.68
N LEU B 132 -2.31 15.40 -22.91
CA LEU B 132 -1.32 16.42 -22.53
C LEU B 132 -0.34 15.87 -21.51
N CYS B 133 -0.80 14.93 -20.70
CA CYS B 133 0.04 14.30 -19.69
C CYS B 133 0.96 13.25 -20.30
N GLN B 134 0.60 12.71 -21.46
CA GLN B 134 1.41 11.69 -22.10
C GLN B 134 2.74 12.21 -22.63
N SER B 135 3.80 11.48 -22.37
CA SER B 135 5.13 11.87 -22.79
C SER B 135 5.48 11.42 -24.20
N PRO B 136 6.27 12.22 -24.92
CA PRO B 136 6.67 11.86 -26.27
C PRO B 136 7.57 10.63 -26.23
N ASP B 137 8.02 10.29 -25.03
CA ASP B 137 8.88 9.13 -24.82
C ASP B 137 8.12 7.93 -24.29
N GLY B 138 6.78 8.06 -24.23
CA GLY B 138 5.93 6.98 -23.73
C GLY B 138 5.58 7.17 -22.27
N GLY B 139 4.45 6.61 -21.83
CA GLY B 139 4.05 6.76 -20.45
C GLY B 139 3.50 8.15 -20.17
N PHE B 140 2.85 8.33 -19.02
CA PHE B 140 2.26 9.62 -18.66
C PHE B 140 2.92 10.24 -17.43
N GLY B 141 2.96 11.58 -17.40
CA GLY B 141 3.51 12.28 -16.26
C GLY B 141 2.35 12.67 -15.36
N GLY B 142 2.64 13.29 -14.20
CA GLY B 142 1.58 13.67 -13.27
C GLY B 142 0.77 14.91 -13.65
N GLY B 143 1.05 15.49 -14.81
CA GLY B 143 0.33 16.66 -15.25
C GLY B 143 0.93 17.06 -16.59
N PRO B 144 0.31 18.01 -17.32
CA PRO B 144 0.82 18.43 -18.63
C PRO B 144 2.28 18.86 -18.60
N GLY B 145 3.11 18.11 -19.32
CA GLY B 145 4.53 18.43 -19.42
C GLY B 145 5.47 17.81 -18.41
N GLN B 146 4.93 17.01 -17.50
CA GLN B 146 5.77 16.37 -16.52
C GLN B 146 6.39 15.11 -17.12
N TYR B 147 7.59 14.79 -16.68
CA TYR B 147 8.28 13.59 -17.15
C TYR B 147 7.39 12.39 -16.80
N PRO B 148 7.42 11.33 -17.61
CA PRO B 148 6.59 10.16 -17.33
C PRO B 148 7.03 9.40 -16.08
N HIS B 149 6.05 8.82 -15.39
CA HIS B 149 6.27 8.10 -14.15
C HIS B 149 5.28 6.94 -14.21
N LEU B 150 5.62 5.81 -13.61
CA LEU B 150 4.72 4.65 -13.69
C LEU B 150 3.41 4.75 -12.90
N ALA B 151 3.40 5.47 -11.77
CA ALA B 151 2.16 5.59 -11.00
C ALA B 151 1.10 6.30 -11.83
N PRO B 152 1.39 7.53 -12.32
CA PRO B 152 0.37 8.20 -13.14
C PRO B 152 0.12 7.52 -14.51
N THR B 153 1.07 6.70 -14.97
CA THR B 153 0.91 5.96 -16.22
C THR B 153 -0.15 4.89 -16.00
N TYR B 154 -0.09 4.23 -14.84
CA TYR B 154 -1.06 3.20 -14.47
C TYR B 154 -2.46 3.80 -14.32
N ALA B 155 -2.50 4.96 -13.66
CA ALA B 155 -3.75 5.68 -13.44
C ALA B 155 -4.33 6.21 -14.75
N ALA B 156 -3.48 6.77 -15.60
CA ALA B 156 -3.91 7.29 -16.90
C ALA B 156 -4.49 6.17 -17.73
N VAL B 157 -3.82 5.01 -17.79
CA VAL B 157 -4.31 3.89 -18.58
C VAL B 157 -5.62 3.35 -18.02
N ASN B 158 -5.72 3.21 -16.71
CA ASN B 158 -6.93 2.70 -16.08
C ASN B 158 -8.12 3.63 -16.36
N ALA B 159 -7.88 4.94 -16.26
CA ALA B 159 -8.94 5.92 -16.49
C ALA B 159 -9.46 5.80 -17.93
N LEU B 160 -8.54 5.74 -18.88
CA LEU B 160 -8.92 5.61 -20.29
C LEU B 160 -9.70 4.31 -20.54
N CYS B 161 -9.44 3.27 -19.76
CA CYS B 161 -10.13 2.00 -19.95
C CYS B 161 -11.54 2.02 -19.37
N ILE B 162 -11.73 2.83 -18.32
CA ILE B 162 -13.03 3.00 -17.68
C ILE B 162 -13.94 3.75 -18.67
N ILE B 163 -13.35 4.67 -19.42
CA ILE B 163 -14.06 5.44 -20.43
C ILE B 163 -14.36 4.47 -21.59
N GLY B 164 -13.37 3.65 -21.94
CA GLY B 164 -13.55 2.63 -22.98
C GLY B 164 -13.95 2.99 -24.39
N THR B 165 -13.82 4.25 -24.79
CA THR B 165 -14.17 4.62 -26.15
C THR B 165 -12.95 4.41 -27.05
N GLU B 166 -13.19 4.43 -28.36
CA GLU B 166 -12.10 4.26 -29.32
C GLU B 166 -11.20 5.45 -29.22
N GLU B 167 -11.77 6.58 -28.80
CA GLU B 167 -11.02 7.82 -28.63
C GLU B 167 -10.03 7.64 -27.49
N ALA B 168 -10.53 7.13 -26.37
CA ALA B 168 -9.73 6.90 -25.17
C ALA B 168 -8.59 5.94 -25.48
N TYR B 169 -8.95 4.78 -26.04
CA TYR B 169 -7.98 3.74 -26.39
C TYR B 169 -6.88 4.29 -27.29
N ASN B 170 -7.26 5.12 -28.24
CA ASN B 170 -6.29 5.69 -29.18
C ASN B 170 -5.33 6.69 -28.59
N VAL B 171 -5.66 7.24 -27.43
CA VAL B 171 -4.80 8.20 -26.77
C VAL B 171 -3.43 7.56 -26.53
N ILE B 172 -3.45 6.35 -25.97
CA ILE B 172 -2.23 5.61 -25.62
C ILE B 172 -1.31 5.26 -26.80
N ASN B 173 -0.09 5.78 -26.77
CA ASN B 173 0.92 5.49 -27.79
C ASN B 173 1.61 4.20 -27.33
N ARG B 174 1.10 3.07 -27.83
CA ARG B 174 1.60 1.75 -27.46
C ARG B 174 3.06 1.43 -27.78
N GLU B 175 3.60 2.03 -28.82
CA GLU B 175 4.98 1.75 -29.18
C GLU B 175 5.94 2.52 -28.28
N LYS B 176 5.58 3.74 -27.93
CA LYS B 176 6.42 4.52 -27.03
C LYS B 176 6.26 3.99 -25.63
N LEU B 177 5.06 3.48 -25.30
CA LEU B 177 4.80 2.92 -23.97
C LEU B 177 5.74 1.72 -23.68
N LEU B 178 5.81 0.77 -24.61
CA LEU B 178 6.66 -0.41 -24.48
C LEU B 178 8.11 0.04 -24.36
N GLN B 179 8.46 1.04 -25.16
CA GLN B 179 9.80 1.58 -25.16
C GLN B 179 10.12 2.15 -23.79
N TYR B 180 9.16 2.88 -23.22
CA TYR B 180 9.31 3.48 -21.89
C TYR B 180 9.51 2.38 -20.84
N LEU B 181 8.68 1.35 -20.87
CA LEU B 181 8.78 0.26 -19.91
C LEU B 181 10.16 -0.37 -19.94
N TYR B 182 10.71 -0.54 -21.13
CA TYR B 182 12.05 -1.11 -21.28
C TYR B 182 13.14 -0.21 -20.68
N SER B 183 12.90 1.10 -20.71
CA SER B 183 13.85 2.07 -20.17
C SER B 183 13.92 2.03 -18.63
N LEU B 184 12.91 1.43 -18.03
CA LEU B 184 12.83 1.31 -16.59
C LEU B 184 13.27 -0.08 -16.08
N LYS B 185 13.17 -1.07 -16.95
CA LYS B 185 13.51 -2.46 -16.63
C LYS B 185 14.94 -2.59 -16.12
N GLN B 186 15.10 -3.39 -15.06
CA GLN B 186 16.42 -3.60 -14.46
C GLN B 186 16.87 -5.05 -14.65
N PRO B 187 18.19 -5.28 -14.57
CA PRO B 187 18.78 -6.61 -14.73
C PRO B 187 18.23 -7.60 -13.70
N ASP B 188 17.97 -7.12 -12.47
CA ASP B 188 17.43 -8.01 -11.42
C ASP B 188 15.93 -8.34 -11.55
N GLY B 189 15.26 -7.78 -12.55
CA GLY B 189 13.85 -8.06 -12.77
C GLY B 189 12.85 -6.97 -12.39
N SER B 190 13.32 -6.01 -11.59
CA SER B 190 12.48 -4.91 -11.13
C SER B 190 12.41 -3.81 -12.17
N PHE B 191 11.65 -2.77 -11.84
CA PHE B 191 11.49 -1.63 -12.73
C PHE B 191 11.67 -0.37 -11.88
N LEU B 192 12.20 0.69 -12.46
CA LEU B 192 12.30 1.94 -11.73
C LEU B 192 10.88 2.53 -11.85
N MET B 193 10.48 3.47 -10.97
CA MET B 193 9.15 4.09 -11.05
C MET B 193 9.16 5.11 -12.20
N HIS B 194 10.32 5.68 -12.43
CA HIS B 194 10.58 6.65 -13.50
C HIS B 194 12.11 6.75 -13.70
N VAL B 195 12.55 7.34 -14.81
CA VAL B 195 13.98 7.50 -15.08
C VAL B 195 14.63 8.31 -13.97
N GLY B 196 15.73 7.77 -13.43
CA GLY B 196 16.42 8.44 -12.34
C GLY B 196 15.67 8.31 -11.03
N GLY B 197 14.71 7.39 -10.97
CA GLY B 197 13.93 7.22 -9.75
C GLY B 197 14.17 5.96 -8.94
N GLU B 198 13.24 5.72 -8.03
CA GLU B 198 13.29 4.58 -7.12
C GLU B 198 12.60 3.30 -7.62
N VAL B 199 12.97 2.18 -7.00
CA VAL B 199 12.41 0.86 -7.31
C VAL B 199 11.70 0.30 -6.10
N ASP B 200 10.49 -0.22 -6.32
CA ASP B 200 9.73 -0.91 -5.28
C ASP B 200 8.65 -1.71 -6.00
N VAL B 201 7.95 -2.61 -5.29
CA VAL B 201 6.94 -3.47 -5.91
C VAL B 201 5.85 -2.76 -6.74
N ARG B 202 5.61 -1.48 -6.46
CA ARG B 202 4.59 -0.76 -7.18
C ARG B 202 4.86 -0.71 -8.68
N SER B 203 6.13 -0.54 -9.06
CA SER B 203 6.51 -0.43 -10.47
C SER B 203 6.22 -1.69 -11.27
N ALA B 204 6.40 -2.84 -10.63
CA ALA B 204 6.12 -4.13 -11.25
C ALA B 204 4.64 -4.23 -11.57
N TYR B 205 3.78 -3.83 -10.64
CA TYR B 205 2.33 -3.87 -10.84
C TYR B 205 1.87 -2.84 -11.88
N CYS B 206 2.40 -1.62 -11.77
CA CYS B 206 2.05 -0.55 -12.71
C CYS B 206 2.40 -0.96 -14.13
N ALA B 207 3.55 -1.60 -14.28
CA ALA B 207 4.03 -2.07 -15.59
C ALA B 207 3.22 -3.25 -16.08
N ALA B 208 3.01 -4.26 -15.23
CA ALA B 208 2.26 -5.44 -15.64
C ALA B 208 0.82 -5.09 -15.98
N SER B 209 0.27 -4.09 -15.30
CA SER B 209 -1.10 -3.65 -15.55
C SER B 209 -1.26 -2.97 -16.91
N VAL B 210 -0.46 -1.94 -17.19
CA VAL B 210 -0.54 -1.23 -18.47
C VAL B 210 -0.12 -2.07 -19.67
N ALA B 211 0.85 -2.97 -19.46
CA ALA B 211 1.37 -3.82 -20.55
C ALA B 211 0.38 -4.91 -20.92
N SER B 212 -0.28 -5.50 -19.93
CA SER B 212 -1.26 -6.52 -20.22
C SER B 212 -2.51 -5.92 -20.86
N LEU B 213 -3.04 -4.84 -20.29
CA LEU B 213 -4.22 -4.19 -20.82
C LEU B 213 -4.04 -3.73 -22.26
N THR B 214 -2.87 -3.13 -22.56
CA THR B 214 -2.59 -2.64 -23.91
C THR B 214 -2.00 -3.68 -24.88
N ASN B 215 -1.70 -4.88 -24.39
CA ASN B 215 -1.13 -5.93 -25.24
C ASN B 215 0.22 -5.56 -25.83
N ILE B 216 1.16 -5.17 -24.98
CA ILE B 216 2.50 -4.84 -25.45
C ILE B 216 3.52 -5.71 -24.76
N ILE B 217 3.07 -6.84 -24.21
CA ILE B 217 4.02 -7.70 -23.51
C ILE B 217 4.85 -8.56 -24.45
N THR B 218 6.15 -8.27 -24.51
CA THR B 218 7.05 -9.05 -25.33
C THR B 218 7.52 -10.22 -24.47
N PRO B 219 8.15 -11.22 -25.08
CA PRO B 219 8.62 -12.41 -24.38
C PRO B 219 9.59 -12.21 -23.22
N ASP B 220 10.36 -11.15 -23.28
CA ASP B 220 11.37 -10.85 -22.27
C ASP B 220 11.09 -9.61 -21.41
N LEU B 221 10.02 -8.87 -21.70
CA LEU B 221 9.69 -7.67 -20.92
C LEU B 221 9.70 -7.91 -19.41
N PHE B 222 9.10 -9.00 -18.95
CA PHE B 222 9.01 -9.31 -17.52
C PHE B 222 9.88 -10.44 -17.03
N GLU B 223 10.96 -10.70 -17.77
CA GLU B 223 11.88 -11.75 -17.41
C GLU B 223 12.49 -11.40 -16.07
N GLY B 224 12.41 -12.33 -15.12
CA GLY B 224 12.96 -12.07 -13.81
C GLY B 224 12.09 -11.27 -12.87
N THR B 225 11.00 -10.70 -13.37
CA THR B 225 10.12 -9.88 -12.53
C THR B 225 9.41 -10.68 -11.45
N ALA B 226 8.93 -11.87 -11.80
CA ALA B 226 8.22 -12.71 -10.82
C ALA B 226 9.16 -13.13 -9.70
N GLU B 227 10.42 -13.35 -10.06
CA GLU B 227 11.40 -13.79 -9.08
C GLU B 227 11.77 -12.66 -8.13
N TRP B 228 11.87 -11.44 -8.67
CA TRP B 228 12.19 -10.27 -7.86
C TRP B 228 11.05 -9.97 -6.86
N ILE B 229 9.79 -10.08 -7.31
CA ILE B 229 8.63 -9.84 -6.47
C ILE B 229 8.60 -10.88 -5.37
N ALA B 230 8.89 -12.14 -5.73
CA ALA B 230 8.94 -13.23 -4.75
C ALA B 230 9.94 -12.94 -3.59
N ARG B 231 11.00 -12.21 -3.89
CA ARG B 231 12.01 -11.84 -2.89
C ARG B 231 11.48 -10.79 -1.93
N CYS B 232 10.40 -10.11 -2.33
CA CYS B 232 9.80 -9.11 -1.46
C CYS B 232 8.94 -9.73 -0.38
N GLN B 233 8.62 -11.01 -0.52
CA GLN B 233 7.81 -11.69 0.51
C GLN B 233 8.76 -12.01 1.65
N ASN B 234 8.40 -11.58 2.87
CA ASN B 234 9.23 -11.80 4.06
C ASN B 234 8.65 -12.81 5.07
N TRP B 235 9.30 -12.88 6.23
CA TRP B 235 8.95 -13.77 7.33
C TRP B 235 7.49 -13.65 7.80
N GLU B 236 6.87 -12.50 7.59
CA GLU B 236 5.49 -12.30 8.01
C GLU B 236 4.46 -12.96 7.10
N GLY B 237 4.84 -13.23 5.85
CA GLY B 237 3.92 -13.82 4.91
C GLY B 237 3.46 -12.77 3.90
N GLY B 238 3.51 -11.50 4.28
CA GLY B 238 3.12 -10.45 3.37
C GLY B 238 4.32 -10.03 2.52
N ILE B 239 4.17 -8.94 1.77
CA ILE B 239 5.20 -8.42 0.88
C ILE B 239 5.59 -6.95 1.20
N GLY B 240 6.89 -6.66 1.18
CA GLY B 240 7.39 -5.32 1.48
C GLY B 240 7.70 -4.58 0.20
N GLY B 241 8.01 -3.29 0.28
CA GLY B 241 8.31 -2.51 -0.93
C GLY B 241 9.49 -2.99 -1.75
N VAL B 242 10.53 -3.43 -1.06
CA VAL B 242 11.73 -3.97 -1.67
C VAL B 242 12.15 -5.12 -0.74
N PRO B 243 12.97 -6.08 -1.23
CA PRO B 243 13.39 -7.18 -0.35
C PRO B 243 14.01 -6.72 0.99
N GLY B 244 13.55 -7.30 2.07
CA GLY B 244 14.06 -6.95 3.38
C GLY B 244 13.10 -6.12 4.21
N MET B 245 12.19 -5.43 3.52
CA MET B 245 11.23 -4.56 4.18
C MET B 245 9.99 -5.21 4.78
N GLU B 246 9.44 -4.51 5.76
CA GLU B 246 8.26 -4.92 6.48
C GLU B 246 7.12 -5.13 5.52
N ALA B 247 6.28 -6.13 5.80
CA ALA B 247 5.13 -6.45 4.95
C ALA B 247 4.06 -5.35 5.03
N HIS B 248 3.56 -4.91 3.88
CA HIS B 248 2.55 -3.85 3.87
C HIS B 248 1.45 -4.19 2.86
N GLY B 249 0.23 -3.72 3.15
CA GLY B 249 -0.92 -3.99 2.31
C GLY B 249 -0.87 -3.40 0.91
N GLY B 250 -0.40 -2.17 0.78
CA GLY B 250 -0.32 -1.57 -0.54
C GLY B 250 0.67 -2.30 -1.43
N TYR B 251 1.82 -2.66 -0.85
CA TYR B 251 2.86 -3.38 -1.60
C TYR B 251 2.48 -4.81 -1.85
N THR B 252 1.78 -5.44 -0.89
CA THR B 252 1.35 -6.84 -1.05
C THR B 252 0.30 -6.99 -2.17
N PHE B 253 -0.61 -6.02 -2.28
CA PHE B 253 -1.60 -6.10 -3.35
C PHE B 253 -0.83 -5.99 -4.67
N CYS B 254 0.08 -5.02 -4.78
CA CYS B 254 0.87 -4.82 -6.00
C CYS B 254 1.68 -6.06 -6.40
N GLY B 255 2.30 -6.71 -5.42
CA GLY B 255 3.10 -7.89 -5.67
C GLY B 255 2.24 -9.04 -6.13
N LEU B 256 1.18 -9.37 -5.39
CA LEU B 256 0.31 -10.47 -5.80
C LEU B 256 -0.45 -10.19 -7.10
N ALA B 257 -0.99 -8.99 -7.26
CA ALA B 257 -1.75 -8.69 -8.47
C ALA B 257 -0.86 -8.77 -9.70
N ALA B 258 0.42 -8.41 -9.54
CA ALA B 258 1.36 -8.45 -10.65
C ALA B 258 1.65 -9.91 -11.00
N LEU B 259 1.82 -10.74 -9.97
CA LEU B 259 2.07 -12.16 -10.19
C LEU B 259 0.88 -12.83 -10.92
N VAL B 260 -0.33 -12.49 -10.53
CA VAL B 260 -1.54 -13.03 -11.15
C VAL B 260 -1.54 -12.66 -12.62
N ILE B 261 -1.17 -11.42 -12.95
CA ILE B 261 -1.10 -10.97 -14.34
C ILE B 261 -0.05 -11.79 -15.13
N LEU B 262 1.08 -12.05 -14.48
CA LEU B 262 2.16 -12.81 -15.09
C LEU B 262 1.96 -14.32 -14.98
N LYS B 263 0.91 -14.72 -14.28
CA LYS B 263 0.61 -16.14 -14.09
C LYS B 263 1.72 -16.85 -13.33
N LYS B 264 2.27 -16.16 -12.34
CA LYS B 264 3.34 -16.70 -11.50
C LYS B 264 3.01 -16.64 -10.03
N GLU B 265 1.73 -16.60 -9.67
CA GLU B 265 1.32 -16.53 -8.26
C GLU B 265 2.01 -17.59 -7.45
N ARG B 266 2.25 -18.75 -8.05
CA ARG B 266 2.90 -19.82 -7.34
C ARG B 266 4.31 -19.52 -6.87
N SER B 267 4.91 -18.44 -7.36
CA SER B 267 6.25 -18.05 -6.91
C SER B 267 6.27 -17.60 -5.44
N LEU B 268 5.08 -17.39 -4.89
CA LEU B 268 4.92 -16.96 -3.50
C LEU B 268 4.41 -18.12 -2.66
N ASN B 269 4.63 -18.01 -1.36
CA ASN B 269 4.10 -19.00 -0.45
C ASN B 269 2.69 -18.45 -0.20
N LEU B 270 1.72 -18.94 -0.97
CA LEU B 270 0.35 -18.47 -0.86
C LEU B 270 -0.29 -18.69 0.51
N LYS B 271 0.12 -19.73 1.23
CA LYS B 271 -0.45 -20.00 2.54
C LYS B 271 -0.02 -19.00 3.62
N SER B 272 1.25 -18.65 3.64
CA SER B 272 1.74 -17.71 4.62
C SER B 272 1.15 -16.33 4.33
N LEU B 273 0.92 -16.06 3.04
CA LEU B 273 0.34 -14.78 2.62
C LEU B 273 -1.13 -14.73 3.04
N LEU B 274 -1.83 -15.87 2.90
CA LEU B 274 -3.26 -15.94 3.27
C LEU B 274 -3.42 -15.65 4.76
N GLN B 275 -2.55 -16.23 5.57
CA GLN B 275 -2.59 -16.04 7.01
C GLN B 275 -2.25 -14.58 7.35
N TRP B 276 -1.27 -14.01 6.65
CA TRP B 276 -0.89 -12.63 6.92
C TRP B 276 -2.02 -11.63 6.61
N VAL B 277 -2.61 -11.71 5.41
CA VAL B 277 -3.65 -10.75 5.07
C VAL B 277 -4.92 -10.90 5.90
N THR B 278 -5.27 -12.14 6.26
CA THR B 278 -6.47 -12.36 7.06
C THR B 278 -6.24 -11.82 8.47
N SER B 279 -4.99 -11.83 8.92
CA SER B 279 -4.63 -11.30 10.24
C SER B 279 -4.65 -9.78 10.28
N ARG B 280 -4.78 -9.15 9.12
CA ARG B 280 -4.78 -7.71 9.05
C ARG B 280 -6.13 -7.09 9.31
N GLN B 281 -7.18 -7.90 9.32
CA GLN B 281 -8.52 -7.36 9.60
C GLN B 281 -8.61 -7.17 11.11
N MET B 282 -9.03 -5.98 11.50
CA MET B 282 -9.16 -5.63 12.92
C MET B 282 -10.44 -6.26 13.53
N ARG B 283 -10.24 -7.13 14.52
CA ARG B 283 -11.35 -7.82 15.18
C ARG B 283 -12.42 -6.86 15.71
N PHE B 284 -11.97 -5.69 16.17
CA PHE B 284 -12.89 -4.70 16.71
C PHE B 284 -13.46 -3.76 15.65
N GLU B 285 -12.61 -2.95 15.04
CA GLU B 285 -13.05 -1.97 14.06
C GLU B 285 -13.67 -2.60 12.83
N GLY B 286 -13.20 -3.80 12.47
CA GLY B 286 -13.74 -4.49 11.30
C GLY B 286 -13.05 -4.18 9.99
N GLY B 287 -12.37 -3.04 9.92
CA GLY B 287 -11.63 -2.67 8.74
C GLY B 287 -10.23 -3.29 8.79
N PHE B 288 -9.41 -3.02 7.79
CA PHE B 288 -8.04 -3.55 7.73
C PHE B 288 -6.93 -2.51 8.06
N GLN B 289 -5.89 -2.99 8.73
CA GLN B 289 -4.70 -2.20 9.06
C GLN B 289 -3.70 -2.48 7.92
N GLY B 290 -2.79 -1.54 7.68
CA GLY B 290 -1.82 -1.70 6.61
C GLY B 290 -0.71 -2.67 6.87
N ARG B 291 -0.31 -2.76 8.13
CA ARG B 291 0.78 -3.64 8.54
C ARG B 291 0.54 -3.99 10.00
N CYS B 292 1.07 -5.12 10.44
CA CYS B 292 0.89 -5.55 11.82
C CYS B 292 1.23 -4.46 12.84
N ASN B 293 0.38 -4.33 13.85
CA ASN B 293 0.54 -3.36 14.92
C ASN B 293 0.40 -1.88 14.56
N LYS B 294 -0.25 -1.60 13.44
CA LYS B 294 -0.53 -0.23 13.07
C LYS B 294 -2.07 -0.03 13.05
N LEU B 295 -2.53 1.16 12.65
CA LEU B 295 -3.96 1.46 12.69
C LEU B 295 -4.79 1.07 11.51
N VAL B 296 -6.09 0.91 11.75
CA VAL B 296 -7.05 0.56 10.70
C VAL B 296 -7.11 1.75 9.76
N ASP B 297 -7.46 1.52 8.50
CA ASP B 297 -7.57 2.61 7.53
C ASP B 297 -8.47 2.16 6.37
N GLY B 298 -9.46 2.98 6.07
CA GLY B 298 -10.40 2.69 5.01
C GLY B 298 -9.84 2.31 3.65
N CYS B 299 -8.73 2.90 3.21
CA CYS B 299 -8.19 2.57 1.89
C CYS B 299 -7.76 1.13 1.85
N TYR B 300 -7.42 0.55 2.99
CA TYR B 300 -7.02 -0.86 3.05
C TYR B 300 -8.18 -1.83 2.86
N SER B 301 -9.39 -1.29 2.78
CA SER B 301 -10.56 -2.13 2.52
C SER B 301 -10.32 -2.72 1.11
N PHE B 302 -9.52 -2.03 0.29
CA PHE B 302 -9.18 -2.55 -1.02
C PHE B 302 -7.81 -3.25 -1.13
N TRP B 303 -6.74 -2.56 -0.75
CA TRP B 303 -5.40 -3.14 -0.83
C TRP B 303 -5.25 -4.47 -0.13
N GLN B 304 -5.86 -4.60 1.04
CA GLN B 304 -5.79 -5.84 1.81
C GLN B 304 -6.91 -6.82 1.48
N ALA B 305 -8.17 -6.37 1.59
CA ALA B 305 -9.32 -7.22 1.28
C ALA B 305 -9.30 -7.63 -0.17
N GLY B 306 -8.72 -6.79 -1.02
CA GLY B 306 -8.62 -7.08 -2.45
C GLY B 306 -7.79 -8.31 -2.72
N LEU B 307 -6.93 -8.65 -1.77
CA LEU B 307 -6.06 -9.81 -1.86
C LEU B 307 -6.80 -11.15 -1.76
N LEU B 308 -7.91 -11.16 -1.01
CA LEU B 308 -8.65 -12.39 -0.84
C LEU B 308 -9.21 -12.95 -2.16
N PRO B 309 -9.78 -12.08 -3.03
CA PRO B 309 -10.29 -12.60 -4.31
C PRO B 309 -9.11 -13.14 -5.12
N LEU B 310 -7.99 -12.42 -5.12
CA LEU B 310 -6.80 -12.86 -5.84
C LEU B 310 -6.30 -14.22 -5.36
N LEU B 311 -6.30 -14.41 -4.04
CA LEU B 311 -5.85 -15.66 -3.46
C LEU B 311 -6.84 -16.78 -3.74
N HIS B 312 -8.11 -16.43 -3.84
CA HIS B 312 -9.16 -17.41 -4.11
C HIS B 312 -8.91 -18.02 -5.48
N ARG B 313 -8.72 -17.16 -6.46
CA ARG B 313 -8.44 -17.53 -7.83
C ARG B 313 -7.17 -18.40 -7.93
N ALA B 314 -6.08 -17.95 -7.31
CA ALA B 314 -4.83 -18.71 -7.35
C ALA B 314 -4.91 -20.12 -6.75
N LEU B 315 -5.49 -20.24 -5.57
CA LEU B 315 -5.63 -21.53 -4.90
C LEU B 315 -6.59 -22.40 -5.67
N HIS B 316 -7.59 -21.77 -6.26
CA HIS B 316 -8.59 -22.47 -7.03
C HIS B 316 -7.94 -23.02 -8.29
N ALA B 317 -6.94 -22.29 -8.81
CA ALA B 317 -6.22 -22.69 -10.00
C ALA B 317 -5.41 -23.94 -9.67
N GLN B 318 -4.98 -24.03 -8.42
CA GLN B 318 -4.22 -25.17 -7.93
C GLN B 318 -5.19 -26.30 -7.57
N GLY B 319 -6.47 -26.09 -7.82
CA GLY B 319 -7.47 -27.09 -7.51
C GLY B 319 -7.68 -27.30 -6.02
N ASP B 320 -7.68 -26.22 -5.26
CA ASP B 320 -7.89 -26.32 -3.82
C ASP B 320 -9.36 -26.74 -3.63
N PRO B 321 -9.59 -27.86 -2.92
CA PRO B 321 -10.94 -28.37 -2.66
C PRO B 321 -11.68 -27.79 -1.44
N ALA B 322 -10.95 -27.15 -0.51
CA ALA B 322 -11.54 -26.59 0.70
C ALA B 322 -12.05 -25.16 0.62
N LEU B 323 -11.92 -24.52 -0.53
CA LEU B 323 -12.37 -23.13 -0.69
C LEU B 323 -13.89 -22.95 -0.59
N SER B 324 -14.34 -21.80 -0.09
CA SER B 324 -15.76 -21.49 0.05
C SER B 324 -16.38 -21.27 -1.32
N MET B 325 -17.70 -21.45 -1.41
CA MET B 325 -18.39 -21.27 -2.69
C MET B 325 -19.38 -20.12 -2.59
N SER B 326 -19.24 -19.32 -1.54
CA SER B 326 -20.13 -18.18 -1.32
C SER B 326 -19.43 -16.93 -0.74
N HIS B 327 -18.33 -17.15 -0.01
CA HIS B 327 -17.63 -16.03 0.62
C HIS B 327 -16.12 -15.92 0.46
N TRP B 328 -15.62 -14.68 0.56
CA TRP B 328 -14.18 -14.41 0.51
C TRP B 328 -13.64 -14.81 1.88
N MET B 329 -12.35 -15.03 1.99
CA MET B 329 -11.79 -15.43 3.28
C MET B 329 -11.49 -14.30 4.26
N PHE B 330 -12.46 -13.42 4.43
CA PHE B 330 -12.36 -12.31 5.37
C PHE B 330 -13.79 -12.02 5.78
N HIS B 331 -13.99 -11.26 6.85
CA HIS B 331 -15.35 -10.95 7.28
C HIS B 331 -15.98 -9.84 6.45
N GLN B 332 -16.66 -10.22 5.37
CA GLN B 332 -17.29 -9.23 4.48
C GLN B 332 -18.26 -8.31 5.20
N GLN B 333 -18.94 -8.86 6.20
CA GLN B 333 -19.92 -8.09 6.95
C GLN B 333 -19.28 -6.96 7.76
N ALA B 334 -18.28 -7.30 8.58
CA ALA B 334 -17.57 -6.33 9.42
C ALA B 334 -16.91 -5.23 8.61
N LEU B 335 -16.33 -5.59 7.46
CA LEU B 335 -15.70 -4.57 6.64
C LEU B 335 -16.74 -3.58 6.13
N GLN B 336 -17.86 -4.09 5.62
CA GLN B 336 -18.92 -3.22 5.11
C GLN B 336 -19.49 -2.29 6.19
N GLU B 337 -19.51 -2.79 7.43
CA GLU B 337 -20.00 -2.02 8.58
C GLU B 337 -18.99 -0.93 8.96
N TYR B 338 -17.69 -1.25 8.94
CA TYR B 338 -16.66 -0.25 9.24
C TYR B 338 -16.75 0.85 8.19
N ILE B 339 -16.80 0.49 6.92
CA ILE B 339 -16.89 1.48 5.85
C ILE B 339 -18.16 2.34 5.93
N LEU B 340 -19.32 1.68 6.01
CA LEU B 340 -20.60 2.40 6.05
C LEU B 340 -20.82 3.25 7.28
N MET B 341 -20.46 2.73 8.45
CA MET B 341 -20.63 3.49 9.69
C MET B 341 -19.52 4.47 9.98
N CYS B 342 -18.27 4.05 9.80
CA CYS B 342 -17.12 4.91 10.10
C CYS B 342 -16.40 5.69 8.99
N CYS B 343 -16.54 5.30 7.72
CA CYS B 343 -15.79 5.99 6.68
C CYS B 343 -16.49 6.97 5.74
N GLN B 344 -17.69 7.41 6.08
CA GLN B 344 -18.36 8.34 5.19
C GLN B 344 -18.43 9.71 5.76
N CYS B 345 -18.05 10.68 4.94
CA CYS B 345 -18.10 12.07 5.31
C CYS B 345 -19.53 12.48 4.94
N PRO B 346 -20.29 13.03 5.90
CA PRO B 346 -21.68 13.49 5.75
C PRO B 346 -21.83 14.39 4.54
N ALA B 347 -20.84 15.27 4.38
CA ALA B 347 -20.79 16.22 3.27
C ALA B 347 -20.51 15.57 1.93
N GLY B 348 -20.26 14.26 1.94
CA GLY B 348 -19.93 13.55 0.71
C GLY B 348 -18.47 13.15 0.76
N GLY B 349 -18.10 12.03 0.14
CA GLY B 349 -16.72 11.58 0.19
C GLY B 349 -16.50 10.61 1.31
N LEU B 350 -15.48 9.76 1.17
CA LEU B 350 -15.17 8.76 2.19
C LEU B 350 -13.78 8.98 2.79
N LEU B 351 -13.47 8.26 3.87
CA LEU B 351 -12.21 8.48 4.54
C LEU B 351 -11.45 7.33 5.19
N ASP B 352 -10.27 7.69 5.69
CA ASP B 352 -9.35 6.81 6.37
C ASP B 352 -10.08 6.26 7.59
N LYS B 353 -10.35 7.13 8.55
CA LYS B 353 -11.04 6.71 9.77
C LYS B 353 -11.77 7.94 10.31
N PRO B 354 -12.64 7.77 11.32
CA PRO B 354 -13.37 8.91 11.87
C PRO B 354 -12.44 10.03 12.36
N GLY B 355 -12.72 11.25 11.91
CA GLY B 355 -11.88 12.37 12.32
C GLY B 355 -10.87 12.79 11.27
N LYS B 356 -10.73 11.98 10.22
CA LYS B 356 -9.82 12.25 9.12
C LYS B 356 -10.58 13.06 8.09
N SER B 357 -9.86 13.75 7.23
CA SER B 357 -10.48 14.53 6.16
C SER B 357 -10.71 13.61 4.96
N ARG B 358 -11.77 13.92 4.22
CA ARG B 358 -12.12 13.15 3.04
C ARG B 358 -11.17 13.53 1.92
N ASP B 359 -10.97 12.61 1.00
CA ASP B 359 -10.18 12.88 -0.17
C ASP B 359 -10.62 11.88 -1.22
N PHE B 360 -10.31 12.16 -2.48
CA PHE B 360 -10.70 11.31 -3.59
C PHE B 360 -10.02 9.94 -3.60
N TYR B 361 -8.85 9.83 -2.97
CA TYR B 361 -8.10 8.58 -2.87
C TYR B 361 -8.87 7.58 -1.99
N HIS B 362 -9.25 8.04 -0.80
CA HIS B 362 -10.00 7.21 0.12
C HIS B 362 -11.42 6.95 -0.35
N THR B 363 -11.98 7.88 -1.12
CA THR B 363 -13.32 7.70 -1.66
C THR B 363 -13.22 6.50 -2.61
N CYS B 364 -12.26 6.56 -3.53
CA CYS B 364 -12.03 5.48 -4.49
C CYS B 364 -11.80 4.13 -3.85
N TYR B 365 -10.89 4.06 -2.87
CA TYR B 365 -10.58 2.77 -2.24
C TYR B 365 -11.55 2.27 -1.19
N CYS B 366 -12.27 3.19 -0.54
CA CYS B 366 -13.29 2.77 0.43
C CYS B 366 -14.41 2.16 -0.43
N LEU B 367 -14.75 2.83 -1.54
CA LEU B 367 -15.78 2.33 -2.44
C LEU B 367 -15.33 1.02 -3.11
N SER B 368 -14.08 0.97 -3.55
CA SER B 368 -13.54 -0.23 -4.20
C SER B 368 -13.61 -1.43 -3.25
N GLY B 369 -13.25 -1.19 -1.99
CA GLY B 369 -13.28 -2.24 -0.99
C GLY B 369 -14.70 -2.66 -0.63
N LEU B 370 -15.64 -1.72 -0.68
CA LEU B 370 -17.03 -2.06 -0.36
C LEU B 370 -17.53 -3.03 -1.44
N SER B 371 -17.26 -2.70 -2.70
CA SER B 371 -17.65 -3.53 -3.84
C SER B 371 -17.06 -4.93 -3.74
N ILE B 372 -15.81 -5.04 -3.30
CA ILE B 372 -15.16 -6.34 -3.14
C ILE B 372 -15.88 -7.12 -2.02
N ALA B 373 -16.25 -6.40 -0.96
CA ALA B 373 -16.92 -6.98 0.21
C ALA B 373 -18.34 -7.49 -0.08
N GLN B 374 -19.00 -6.85 -1.04
CA GLN B 374 -20.36 -7.20 -1.44
C GLN B 374 -20.43 -8.30 -2.48
N HIS B 375 -19.40 -8.42 -3.32
CA HIS B 375 -19.46 -9.37 -4.41
C HIS B 375 -18.51 -10.56 -4.41
N PHE B 376 -19.06 -11.75 -4.20
CA PHE B 376 -18.25 -12.97 -4.27
C PHE B 376 -18.53 -13.67 -5.60
N GLY B 377 -17.53 -14.38 -6.10
CA GLY B 377 -17.66 -15.08 -7.36
C GLY B 377 -16.46 -15.99 -7.59
N SER B 378 -16.73 -17.26 -7.89
CA SER B 378 -15.70 -18.25 -8.14
C SER B 378 -16.23 -19.25 -9.16
N GLY B 379 -15.94 -18.98 -10.43
CA GLY B 379 -16.40 -19.84 -11.49
C GLY B 379 -17.86 -19.59 -11.77
N ALA B 380 -18.69 -20.57 -11.44
CA ALA B 380 -20.14 -20.49 -11.67
C ALA B 380 -20.89 -19.91 -10.47
N MET B 381 -20.20 -19.86 -9.33
CA MET B 381 -20.78 -19.33 -8.10
C MET B 381 -20.74 -17.81 -8.05
N LEU B 382 -21.80 -17.22 -7.53
CA LEU B 382 -21.93 -15.78 -7.37
C LEU B 382 -22.70 -15.62 -6.09
N HIS B 383 -22.26 -14.73 -5.23
CA HIS B 383 -22.96 -14.53 -3.98
C HIS B 383 -22.69 -13.15 -3.45
N ASP B 384 -23.75 -12.36 -3.30
CA ASP B 384 -23.63 -11.03 -2.79
C ASP B 384 -23.95 -11.02 -1.30
N VAL B 385 -23.52 -9.94 -0.65
CA VAL B 385 -23.75 -9.69 0.76
C VAL B 385 -23.75 -8.18 0.82
N VAL B 386 -24.94 -7.58 0.75
CA VAL B 386 -25.10 -6.13 0.80
C VAL B 386 -25.70 -5.68 2.12
N MET B 387 -24.85 -5.20 3.04
CA MET B 387 -25.28 -4.73 4.35
C MET B 387 -26.02 -3.42 4.19
N GLY B 388 -26.94 -3.13 5.12
CA GLY B 388 -27.72 -1.90 5.02
C GLY B 388 -28.76 -1.96 3.91
N VAL B 389 -29.19 -0.81 3.43
CA VAL B 389 -30.20 -0.79 2.38
C VAL B 389 -29.64 -1.39 1.10
N PRO B 390 -30.45 -2.12 0.34
CA PRO B 390 -30.01 -2.73 -0.92
C PRO B 390 -29.56 -1.74 -2.00
N GLU B 391 -29.88 -0.46 -1.82
CA GLU B 391 -29.43 0.57 -2.76
C GLU B 391 -27.93 0.77 -2.55
N ASN B 392 -27.41 0.10 -1.52
CA ASN B 392 -25.99 0.14 -1.17
C ASN B 392 -25.11 -0.61 -2.18
N VAL B 393 -25.65 -1.67 -2.79
CA VAL B 393 -24.93 -2.48 -3.77
C VAL B 393 -24.28 -1.63 -4.86
N LEU B 394 -22.99 -1.87 -5.08
CA LEU B 394 -22.23 -1.12 -6.06
C LEU B 394 -21.91 -1.99 -7.26
N GLN B 395 -21.44 -1.35 -8.32
CA GLN B 395 -21.01 -2.07 -9.52
C GLN B 395 -19.77 -2.87 -9.13
N PRO B 396 -19.62 -4.09 -9.67
CA PRO B 396 -18.44 -4.89 -9.31
C PRO B 396 -17.10 -4.30 -9.83
N THR B 397 -16.02 -4.70 -9.17
CA THR B 397 -14.68 -4.24 -9.54
C THR B 397 -13.74 -5.45 -9.77
N HIS B 398 -12.93 -5.40 -10.82
CA HIS B 398 -12.00 -6.47 -11.13
C HIS B 398 -10.88 -6.37 -10.10
N PRO B 399 -10.67 -7.41 -9.29
CA PRO B 399 -9.64 -7.39 -8.25
C PRO B 399 -8.17 -7.17 -8.64
N VAL B 400 -7.84 -7.41 -9.90
CA VAL B 400 -6.48 -7.21 -10.39
C VAL B 400 -6.25 -5.75 -10.84
N TYR B 401 -7.12 -5.24 -11.71
CA TYR B 401 -7.00 -3.89 -12.23
C TYR B 401 -7.71 -2.79 -11.49
N ASN B 402 -8.71 -3.18 -10.71
CA ASN B 402 -9.56 -2.25 -9.95
C ASN B 402 -10.33 -1.28 -10.85
N ILE B 403 -10.84 -1.80 -11.95
CA ILE B 403 -11.71 -1.05 -12.85
C ILE B 403 -12.79 -2.08 -13.12
N GLY B 404 -13.92 -1.68 -13.69
CA GLY B 404 -14.97 -2.65 -13.95
C GLY B 404 -14.54 -3.84 -14.77
N PRO B 405 -14.95 -5.07 -14.41
CA PRO B 405 -14.61 -6.31 -15.13
C PRO B 405 -14.95 -6.19 -16.62
N ASP B 406 -16.02 -5.47 -16.90
CA ASP B 406 -16.44 -5.24 -18.27
C ASP B 406 -15.42 -4.39 -19.01
N LYS B 407 -14.86 -3.40 -18.31
CA LYS B 407 -13.85 -2.50 -18.87
C LYS B 407 -12.57 -3.25 -19.19
N VAL B 408 -12.26 -4.25 -18.37
CA VAL B 408 -11.07 -5.07 -18.57
C VAL B 408 -11.25 -5.88 -19.84
N ILE B 409 -12.34 -6.63 -19.92
CA ILE B 409 -12.63 -7.45 -21.08
C ILE B 409 -12.71 -6.62 -22.35
N GLN B 410 -13.38 -5.47 -22.25
CA GLN B 410 -13.51 -4.58 -23.38
C GLN B 410 -12.16 -4.04 -23.85
N ALA B 411 -11.33 -3.64 -22.89
CA ALA B 411 -10.02 -3.08 -23.22
C ALA B 411 -9.06 -4.11 -23.81
N THR B 412 -8.90 -5.25 -23.15
CA THR B 412 -7.98 -6.28 -23.62
C THR B 412 -8.40 -6.81 -25.00
N THR B 413 -9.70 -7.05 -25.17
CA THR B 413 -10.24 -7.50 -26.45
C THR B 413 -9.89 -6.50 -27.55
N HIS B 414 -9.99 -5.22 -27.25
CA HIS B 414 -9.68 -4.19 -28.22
C HIS B 414 -8.22 -4.16 -28.59
N PHE B 415 -7.34 -4.16 -27.59
CA PHE B 415 -5.91 -4.07 -27.84
C PHE B 415 -5.30 -5.34 -28.42
N LEU B 416 -6.07 -6.42 -28.34
CA LEU B 416 -5.64 -7.68 -28.90
C LEU B 416 -5.78 -7.66 -30.41
N GLN B 417 -6.47 -6.66 -30.94
CA GLN B 417 -6.64 -6.50 -32.39
C GLN B 417 -5.35 -5.88 -32.93
N LYS B 418 -4.58 -5.31 -32.02
CA LYS B 418 -3.32 -4.71 -32.39
C LYS B 418 -2.23 -5.73 -32.09
N PRO B 419 -1.16 -5.73 -32.89
CA PRO B 419 -0.07 -6.67 -32.65
C PRO B 419 0.89 -6.06 -31.65
N VAL B 420 1.58 -6.91 -30.90
CA VAL B 420 2.55 -6.44 -29.93
C VAL B 420 3.66 -5.67 -30.67
N PRO B 421 3.97 -4.44 -30.24
CA PRO B 421 5.00 -3.62 -30.89
C PRO B 421 6.33 -4.37 -31.01
N GLY B 422 6.88 -4.38 -32.22
CA GLY B 422 8.12 -5.10 -32.42
C GLY B 422 9.42 -4.32 -32.35
N PHE B 423 9.37 -3.03 -32.68
CA PHE B 423 10.55 -2.17 -32.68
C PHE B 423 11.44 -2.30 -33.94
ZN ZN C . -5.55 5.27 3.78
C1 FPP D . 3.10 3.51 4.74
O1 FPP D . 2.50 4.76 5.13
C2 FPP D . 2.82 3.20 3.28
C3 FPP D . 3.61 3.40 2.19
C4 FPP D . 5.01 4.01 2.26
C5 FPP D . 3.13 3.01 0.79
C6 FPP D . 1.79 2.23 0.72
C7 FPP D . 1.47 1.65 -0.64
C8 FPP D . 0.30 1.74 -1.31
C10 FPP D . -0.90 2.49 -0.76
C9 FPP D . 0.15 1.09 -2.70
C11 FPP D . 0.03 2.10 -3.85
C12 FPP D . -0.27 1.44 -5.20
C13 FPP D . 0.00 1.94 -6.44
C14 FPP D . -0.37 1.15 -7.69
C15 FPP D . 0.65 3.28 -6.68
PA FPP D . 1.92 5.07 6.59
O1A FPP D . 1.58 6.62 6.66
O2A FPP D . 3.02 4.76 7.72
O3A FPP D . 0.54 4.28 6.76
PB FPP D . 0.42 2.94 7.62
O1B FPP D . -1.08 2.44 7.44
O2B FPP D . 1.38 1.80 7.05
O3B FPP D . 0.72 3.17 9.15
C1 336 E . -2.22 12.10 -0.17
C4 336 E . -1.53 9.91 -1.25
C6 336 E . -2.94 9.80 -1.80
C9 336 E . -3.96 10.45 -0.90
N12 336 E . -3.60 11.84 -0.62
C13 336 E . -1.20 11.38 -1.04
CL16 336 E . -2.72 4.63 -5.31
C17 336 E . 2.26 7.76 0.10
C19 336 E . -2.06 5.93 -4.39
C20 336 E . -1.94 5.85 -3.00
C22 336 E . -1.28 6.84 -0.79
C25 336 E . 0.13 6.61 -0.40
C28 336 E . -1.13 8.17 -4.36
C29 336 E . 3.19 8.81 0.02
C30 336 E . 2.88 9.92 -0.78
N32 336 E . 1.72 9.98 -1.45
C33 336 E . -0.45 9.24 -2.19
C35 336 E . -1.66 7.09 -5.07
BR37 336 E . 4.82 8.70 0.96
BR38 336 E . -0.60 9.72 -5.30
C39 336 E . 0.81 8.98 -1.39
C40 336 E . -1.00 8.09 -2.95
C41 336 E . 1.05 7.83 -0.59
C42 336 E . -1.41 6.92 -2.29
C43 336 E . -4.77 16.67 -0.30
C46 336 E . -5.91 17.60 0.12
C49 336 E . -5.15 15.19 -0.16
C51 336 E . -5.77 14.89 1.20
N54 336 E . -6.42 17.20 1.43
C55 336 E . -6.46 18.05 2.49
N56 336 E . -6.96 17.45 3.57
O57 336 E . -6.09 19.22 2.48
C58 336 E . -6.88 15.83 1.55
C61 336 E . -4.01 14.23 -0.45
O64 336 E . -5.67 12.64 -1.15
C65 336 E . -4.51 12.83 -0.78
#